data_4M73
#
_entry.id   4M73
#
_cell.length_a   60.989
_cell.length_b   96.810
_cell.length_c   135.404
_cell.angle_alpha   90.00
_cell.angle_beta   90.00
_cell.angle_gamma   90.00
#
_symmetry.space_group_name_H-M   'P 21 21 21'
#
loop_
_entity.id
_entity.type
_entity.pdbx_description
1 polymer 'Methyltransferase MppJ'
2 non-polymer S-ADENOSYL-L-HOMOCYSTEINE
3 non-polymer '(2R,3R)-2-hydroxy-3-methoxy-3-phenylpropanoic acid'
4 non-polymer 'FE (III) ION'
5 non-polymer '(2R)-2-hydroxy-3-phenylpropanoic acid'
6 non-polymer 'CALCIUM ION'
7 non-polymer 'IODIDE ION'
8 water water
#
_entity_poly.entity_id   1
_entity_poly.type   'polypeptide(L)'
_entity_poly.pdbx_seq_one_letter_code
;MSTEVSEAQARRAVADIFNSTLASSAIGAAWELGALDELRENGKLDVSDFAVRHDLHEPAVVGMFTALASVGIVRREGAT
VVVGPYFDEANHHRSLFHWLNQGSGELFRRMPQVLPNENRTGKFYQLDAGAISYACREISERYFDPAFWAAVDGLGYTPT
TVADLGSGSGERLIQIARRFPGVRGLGVDIADGAIAMAEKEVAAKGFGDQISFVRGDARTIDQVSARGEFAEVDLLTCFM
MGHAFWPRENCVQTLRKLRAAFPNVRRFLLGDATRTVGIPDRELPVFTLGFEFGHDMMGEYLPTLDEWDGVFEEGGWRCV
KKHAIDSLSVSVVFELE
;
_entity_poly.pdbx_strand_id   A,B
#
loop_
_chem_comp.id
_chem_comp.type
_chem_comp.name
_chem_comp.formula
CA non-polymer 'CALCIUM ION' 'Ca 2'
FE non-polymer 'FE (III) ION' 'Fe 3'
HF2 peptide-like '(2R)-2-hydroxy-3-phenylpropanoic acid' 'C9 H10 O3'
IOD non-polymer 'IODIDE ION' 'I -1'
M72 non-polymer '(2R,3R)-2-hydroxy-3-methoxy-3-phenylpropanoic acid' 'C10 H12 O4'
#
# COMPACT_ATOMS: atom_id res chain seq x y z
N SER A 6 28.22 3.77 -0.80
CA SER A 6 28.49 3.33 -2.18
C SER A 6 27.22 2.97 -2.95
N GLU A 7 27.36 2.92 -4.27
CA GLU A 7 26.27 2.73 -5.16
C GLU A 7 25.62 1.37 -5.08
N ALA A 8 26.40 0.32 -4.96
CA ALA A 8 25.84 -1.02 -4.85
C ALA A 8 24.95 -1.16 -3.58
N GLN A 9 25.36 -0.51 -2.50
CA GLN A 9 24.67 -0.61 -1.25
C GLN A 9 23.36 0.13 -1.33
N ALA A 10 23.41 1.32 -1.90
CA ALA A 10 22.24 2.11 -2.12
C ALA A 10 21.28 1.39 -3.02
N ARG A 11 21.78 0.78 -4.09
CA ARG A 11 20.93 0.03 -4.99
C ARG A 11 20.20 -1.07 -4.23
N ARG A 12 20.94 -1.87 -3.45
CA ARG A 12 20.36 -2.93 -2.69
C ARG A 12 19.34 -2.37 -1.63
N ALA A 13 19.67 -1.29 -0.92
CA ALA A 13 18.77 -0.74 0.08
C ALA A 13 17.48 -0.23 -0.54
N VAL A 14 17.54 0.44 -1.70
CA VAL A 14 16.32 0.90 -2.33
C VAL A 14 15.52 -0.31 -2.90
N ALA A 15 16.18 -1.29 -3.44
CA ALA A 15 15.45 -2.45 -3.87
C ALA A 15 14.71 -3.12 -2.67
N ASP A 16 15.37 -3.25 -1.54
CA ASP A 16 14.71 -3.86 -0.39
C ASP A 16 13.51 -3.04 0.06
N ILE A 17 13.63 -1.71 0.00
CA ILE A 17 12.53 -0.84 0.26
C ILE A 17 11.35 -1.13 -0.61
N PHE A 18 11.58 -1.27 -1.90
CA PHE A 18 10.54 -1.62 -2.86
C PHE A 18 9.90 -2.98 -2.53
N ASN A 19 10.77 -3.97 -2.35
CA ASN A 19 10.28 -5.35 -2.13
C ASN A 19 9.55 -5.50 -0.79
N SER A 20 10.01 -4.71 0.19
CA SER A 20 9.39 -4.71 1.55
C SER A 20 7.97 -4.32 1.46
N THR A 21 7.66 -3.42 0.52
CA THR A 21 6.27 -3.02 0.28
C THR A 21 5.39 -4.23 -0.03
N LEU A 22 5.86 -5.08 -0.94
CA LEU A 22 5.10 -6.25 -1.34
C LEU A 22 5.09 -7.30 -0.21
N ALA A 23 6.22 -7.49 0.42
CA ALA A 23 6.30 -8.42 1.56
C ALA A 23 5.33 -7.97 2.65
N SER A 24 5.23 -6.66 2.91
CA SER A 24 4.36 -6.11 3.95
C SER A 24 2.90 -6.38 3.70
N SER A 25 2.46 -6.09 2.50
CA SER A 25 1.13 -6.45 2.11
C SER A 25 0.89 -7.97 2.16
N ALA A 26 1.89 -8.72 1.76
CA ALA A 26 1.78 -10.15 1.79
C ALA A 26 1.71 -10.77 3.19
N ILE A 27 2.28 -10.13 4.22
CA ILE A 27 2.17 -10.66 5.58
C ILE A 27 0.71 -10.73 6.01
N GLY A 28 -0.02 -9.62 5.89
CA GLY A 28 -1.41 -9.59 6.24
C GLY A 28 -2.22 -10.55 5.40
N ALA A 29 -1.90 -10.65 4.11
CA ALA A 29 -2.64 -11.51 3.26
C ALA A 29 -2.40 -13.00 3.60
N ALA A 30 -1.15 -13.38 3.85
CA ALA A 30 -0.80 -14.68 4.20
C ALA A 30 -1.41 -15.13 5.53
N TRP A 31 -1.56 -14.20 6.48
CA TRP A 31 -2.32 -14.47 7.70
C TRP A 31 -3.75 -14.81 7.40
N GLU A 32 -4.42 -13.90 6.69
CA GLU A 32 -5.84 -14.05 6.38
C GLU A 32 -6.13 -15.36 5.62
N LEU A 33 -5.23 -15.74 4.71
CA LEU A 33 -5.44 -16.90 3.82
C LEU A 33 -5.00 -18.22 4.47
N GLY A 34 -4.42 -18.14 5.65
CA GLY A 34 -4.04 -19.33 6.42
C GLY A 34 -2.65 -19.85 6.22
N ALA A 35 -1.83 -19.17 5.43
CA ALA A 35 -0.49 -19.64 5.21
C ALA A 35 0.44 -19.50 6.39
N LEU A 36 0.31 -18.41 7.11
CA LEU A 36 1.28 -18.27 8.21
C LEU A 36 1.02 -19.33 9.30
N ASP A 37 -0.24 -19.64 9.53
CA ASP A 37 -0.61 -20.64 10.53
C ASP A 37 -0.11 -22.04 10.13
N GLU A 38 -0.28 -22.39 8.85
CA GLU A 38 0.24 -23.63 8.32
C GLU A 38 1.78 -23.67 8.50
N LEU A 39 2.48 -22.59 8.13
CA LEU A 39 3.94 -22.57 8.32
C LEU A 39 4.40 -22.60 9.79
N ARG A 40 3.57 -22.02 10.66
CA ARG A 40 3.91 -22.05 12.08
C ARG A 40 3.75 -23.48 12.56
N GLU A 41 2.64 -24.10 12.20
CA GLU A 41 2.40 -25.48 12.65
C GLU A 41 3.32 -26.54 12.04
N ASN A 42 3.85 -26.34 10.83
CA ASN A 42 4.64 -27.38 10.14
C ASN A 42 6.06 -26.99 9.76
N GLY A 43 6.38 -25.71 9.81
CA GLY A 43 7.67 -25.25 9.42
C GLY A 43 7.79 -25.13 7.91
N LYS A 44 6.80 -25.66 7.17
CA LYS A 44 6.88 -25.66 5.71
C LYS A 44 5.55 -25.90 5.13
N LEU A 45 5.42 -25.63 3.84
CA LEU A 45 4.27 -26.10 3.08
C LEU A 45 4.64 -26.25 1.60
N ASP A 46 3.75 -26.92 0.85
CA ASP A 46 3.91 -27.10 -0.59
C ASP A 46 3.05 -26.12 -1.32
N VAL A 47 3.62 -25.28 -2.19
CA VAL A 47 2.83 -24.14 -2.68
C VAL A 47 1.70 -24.57 -3.56
N SER A 48 1.92 -25.51 -4.48
CA SER A 48 0.79 -26.04 -5.27
C SER A 48 -0.30 -26.64 -4.37
N ASP A 49 0.09 -27.48 -3.42
CA ASP A 49 -0.88 -28.10 -2.53
C ASP A 49 -1.72 -27.02 -1.79
N PHE A 50 -1.05 -25.97 -1.33
CA PHE A 50 -1.71 -24.87 -0.65
C PHE A 50 -2.68 -24.17 -1.57
N ALA A 51 -2.27 -23.93 -2.81
CA ALA A 51 -3.10 -23.21 -3.74
C ALA A 51 -4.33 -24.03 -4.03
N VAL A 52 -4.10 -25.35 -4.20
CA VAL A 52 -5.25 -26.25 -4.44
C VAL A 52 -6.16 -26.34 -3.19
N ARG A 53 -5.62 -26.65 -2.01
CA ARG A 53 -6.51 -26.77 -0.80
C ARG A 53 -7.30 -25.49 -0.50
N HIS A 54 -6.73 -24.33 -0.81
CA HIS A 54 -7.45 -23.05 -0.60
C HIS A 54 -8.14 -22.50 -1.83
N ASP A 55 -8.06 -23.22 -2.95
CA ASP A 55 -8.66 -22.74 -4.22
C ASP A 55 -8.19 -21.30 -4.58
N LEU A 56 -6.87 -21.14 -4.57
CA LEU A 56 -6.23 -19.88 -4.99
C LEU A 56 -5.48 -19.98 -6.33
N HIS A 57 -5.44 -18.84 -7.03
CA HIS A 57 -4.69 -18.66 -8.27
C HIS A 57 -3.23 -18.84 -8.06
N GLU A 58 -2.71 -19.98 -8.50
CA GLU A 58 -1.37 -20.38 -8.09
C GLU A 58 -0.21 -19.41 -8.48
N PRO A 59 -0.28 -18.80 -9.66
CA PRO A 59 0.79 -17.83 -10.02
C PRO A 59 0.90 -16.66 -9.00
N ALA A 60 -0.25 -16.19 -8.56
CA ALA A 60 -0.36 -15.19 -7.51
C ALA A 60 0.09 -15.67 -6.13
N VAL A 61 -0.16 -16.92 -5.81
CA VAL A 61 0.37 -17.50 -4.62
C VAL A 61 1.88 -17.55 -4.59
N VAL A 62 2.46 -17.97 -5.69
CA VAL A 62 3.89 -17.99 -5.80
C VAL A 62 4.41 -16.56 -5.63
N GLY A 63 3.70 -15.62 -6.25
CA GLY A 63 4.07 -14.19 -6.06
C GLY A 63 4.08 -13.80 -4.57
N MET A 64 3.03 -14.20 -3.88
CA MET A 64 2.92 -13.93 -2.45
C MET A 64 4.09 -14.45 -1.65
N PHE A 65 4.44 -15.71 -1.84
CA PHE A 65 5.58 -16.28 -1.11
C PHE A 65 6.94 -15.71 -1.54
N THR A 66 7.05 -15.38 -2.80
CA THR A 66 8.24 -14.75 -3.30
C THR A 66 8.48 -13.41 -2.58
N ALA A 67 7.41 -12.62 -2.45
CA ALA A 67 7.50 -11.30 -1.78
C ALA A 67 8.04 -11.51 -0.35
N LEU A 68 7.43 -12.47 0.33
CA LEU A 68 7.85 -12.81 1.69
C LEU A 68 9.28 -13.29 1.77
N ALA A 69 9.67 -14.10 0.81
CA ALA A 69 11.04 -14.58 0.70
C ALA A 69 12.06 -13.49 0.36
N SER A 70 11.61 -12.47 -0.37
CA SER A 70 12.57 -11.42 -0.83
C SER A 70 13.18 -10.61 0.27
N VAL A 71 12.55 -10.64 1.47
CA VAL A 71 13.09 -9.89 2.60
C VAL A 71 13.32 -10.87 3.79
N GLY A 72 13.23 -12.16 3.52
CA GLY A 72 13.69 -13.15 4.52
C GLY A 72 12.71 -13.72 5.53
N ILE A 73 11.44 -13.64 5.24
CA ILE A 73 10.43 -14.11 6.16
C ILE A 73 10.21 -15.58 5.95
N VAL A 74 10.19 -15.99 4.68
CA VAL A 74 10.20 -17.38 4.30
C VAL A 74 11.38 -17.61 3.34
N ARG A 75 11.63 -18.87 3.02
CA ARG A 75 12.60 -19.28 2.01
C ARG A 75 11.91 -20.28 1.07
N ARG A 76 12.10 -20.12 -0.25
CA ARG A 76 11.51 -21.08 -1.19
C ARG A 76 12.55 -22.13 -1.57
N GLU A 77 12.19 -23.43 -1.44
CA GLU A 77 13.09 -24.54 -1.82
C GLU A 77 12.32 -25.49 -2.68
N GLY A 78 12.64 -25.41 -3.97
CA GLY A 78 11.92 -26.04 -5.00
C GLY A 78 10.45 -25.72 -4.92
N ALA A 79 9.65 -26.75 -4.68
CA ALA A 79 8.17 -26.70 -4.70
C ALA A 79 7.55 -26.25 -3.37
N THR A 80 8.45 -25.91 -2.47
CA THR A 80 8.16 -25.85 -1.07
C THR A 80 8.53 -24.46 -0.53
N VAL A 81 7.86 -24.03 0.53
CA VAL A 81 8.19 -22.83 1.24
C VAL A 81 8.45 -23.20 2.69
N VAL A 82 9.53 -22.69 3.24
CA VAL A 82 9.96 -23.00 4.62
C VAL A 82 10.13 -21.70 5.39
N VAL A 83 10.05 -21.77 6.71
CA VAL A 83 10.14 -20.60 7.54
C VAL A 83 11.53 -20.06 7.40
N GLY A 84 11.65 -18.73 7.38
CA GLY A 84 12.92 -18.06 7.17
C GLY A 84 13.31 -17.37 8.44
N PRO A 85 14.39 -16.60 8.40
CA PRO A 85 14.88 -16.16 9.68
C PRO A 85 14.07 -15.13 10.42
N TYR A 86 13.12 -14.48 9.73
CA TYR A 86 12.33 -13.43 10.38
C TYR A 86 10.92 -13.89 10.50
N PHE A 87 10.70 -15.20 10.32
CA PHE A 87 9.38 -15.68 10.36
C PHE A 87 8.66 -15.48 11.70
N ASP A 88 9.32 -15.75 12.82
CA ASP A 88 8.61 -15.70 14.09
C ASP A 88 8.23 -14.25 14.40
N GLU A 89 9.14 -13.30 14.17
CA GLU A 89 8.92 -11.86 14.47
C GLU A 89 7.81 -11.31 13.59
N ALA A 90 7.77 -11.72 12.33
CA ALA A 90 6.78 -11.19 11.40
C ALA A 90 5.47 -11.83 11.68
N ASN A 91 5.49 -13.13 11.97
CA ASN A 91 4.24 -13.76 12.34
C ASN A 91 3.69 -13.17 13.64
N HIS A 92 4.52 -12.96 14.66
CA HIS A 92 4.08 -12.32 15.91
C HIS A 92 3.25 -11.04 15.60
N HIS A 93 3.80 -10.21 14.72
CA HIS A 93 3.23 -8.93 14.42
C HIS A 93 2.36 -8.87 13.20
N ARG A 94 1.88 -10.01 12.73
CA ARG A 94 1.14 -10.03 11.45
C ARG A 94 -0.05 -9.11 11.40
N SER A 95 -0.69 -8.91 12.54
CA SER A 95 -1.96 -8.14 12.60
C SER A 95 -1.66 -6.67 12.42
N LEU A 96 -0.42 -6.28 12.70
CA LEU A 96 -0.04 -4.88 12.52
C LEU A 96 0.25 -4.58 11.08
N PHE A 97 0.83 -5.55 10.38
CA PHE A 97 1.02 -5.48 8.93
C PHE A 97 -0.34 -5.46 8.25
N HIS A 98 -1.25 -6.31 8.73
CA HIS A 98 -2.60 -6.33 8.21
C HIS A 98 -3.30 -4.96 8.37
N TRP A 99 -3.16 -4.37 9.57
CA TRP A 99 -3.71 -3.08 9.88
C TRP A 99 -3.15 -2.04 8.94
N LEU A 100 -1.86 -2.06 8.80
CA LEU A 100 -1.18 -1.11 7.89
C LEU A 100 -1.65 -1.13 6.44
N ASN A 101 -1.87 -2.33 5.92
CA ASN A 101 -2.07 -2.58 4.50
C ASN A 101 -3.54 -2.81 4.19
N GLN A 102 -4.07 -3.96 4.58
CA GLN A 102 -5.49 -4.25 4.31
C GLN A 102 -6.43 -3.23 4.96
N GLY A 103 -6.17 -2.87 6.20
CA GLY A 103 -6.97 -1.83 6.88
C GLY A 103 -6.76 -0.41 6.39
N SER A 104 -5.52 0.06 6.41
CA SER A 104 -5.19 1.48 6.28
C SER A 104 -4.54 1.87 4.97
N GLY A 105 -4.41 0.90 4.08
CA GLY A 105 -3.50 1.06 2.88
C GLY A 105 -3.95 2.25 2.04
N GLU A 106 -5.27 2.45 1.95
CA GLU A 106 -5.84 3.45 1.07
C GLU A 106 -5.57 4.81 1.62
N LEU A 107 -5.48 4.91 2.93
CA LEU A 107 -5.08 6.12 3.54
C LEU A 107 -3.62 6.52 3.10
N PHE A 108 -2.67 5.62 3.32
CA PHE A 108 -1.28 5.92 2.98
C PHE A 108 -1.06 6.05 1.47
N ARG A 109 -1.80 5.28 0.71
CA ARG A 109 -1.65 5.34 -0.71
C ARG A 109 -1.99 6.77 -1.27
N ARG A 110 -3.06 7.37 -0.76
CA ARG A 110 -3.56 8.69 -1.19
C ARG A 110 -2.87 9.87 -0.53
N MET A 111 -1.67 9.62 0.01
CA MET A 111 -0.88 10.66 0.61
C MET A 111 -0.83 11.99 -0.26
N PRO A 112 -0.70 11.89 -1.59
CA PRO A 112 -0.65 13.19 -2.33
C PRO A 112 -1.94 13.93 -2.27
N GLN A 113 -3.07 13.24 -2.03
CA GLN A 113 -4.42 13.84 -2.03
C GLN A 113 -4.91 14.18 -0.65
N VAL A 114 -4.30 13.57 0.36
CA VAL A 114 -4.69 13.79 1.76
C VAL A 114 -3.92 14.92 2.42
N LEU A 115 -2.72 15.16 1.98
CA LEU A 115 -1.90 16.17 2.60
C LEU A 115 -2.36 17.62 2.23
N PRO A 116 -2.87 17.89 1.04
CA PRO A 116 -3.26 19.34 0.78
C PRO A 116 -4.44 19.87 1.61
N ASN A 117 -4.27 21.04 2.22
CA ASN A 117 -5.29 21.57 3.11
C ASN A 117 -6.64 21.70 2.45
N GLU A 118 -6.63 22.01 1.17
CA GLU A 118 -7.86 22.27 0.46
C GLU A 118 -8.64 21.01 0.22
N ASN A 119 -7.99 19.82 0.27
CA ASN A 119 -8.78 18.55 0.19
C ASN A 119 -9.35 18.06 1.54
N ARG A 120 -9.00 18.70 2.65
CA ARG A 120 -9.22 18.10 3.94
C ARG A 120 -10.54 18.51 4.56
N THR A 121 -11.61 18.33 3.82
CA THR A 121 -12.96 18.54 4.33
C THR A 121 -13.76 17.34 3.94
N GLY A 122 -14.78 17.04 4.74
CA GLY A 122 -15.68 15.96 4.41
C GLY A 122 -14.88 14.69 4.61
N LYS A 123 -15.16 13.74 3.76
CA LYS A 123 -14.65 12.39 3.89
C LYS A 123 -13.39 12.31 3.05
N PHE A 124 -12.33 12.94 3.51
CA PHE A 124 -11.12 13.02 2.69
C PHE A 124 -10.17 11.80 2.72
N TYR A 125 -10.51 10.71 3.41
CA TYR A 125 -9.72 9.45 3.35
C TYR A 125 -10.66 8.30 3.52
N GLN A 126 -10.19 7.11 3.24
CA GLN A 126 -11.02 5.95 3.27
C GLN A 126 -10.24 4.82 3.95
N LEU A 127 -10.80 4.27 5.04
CA LEU A 127 -10.28 3.06 5.67
C LEU A 127 -11.15 1.86 5.32
N ASP A 128 -10.61 0.67 5.41
CA ASP A 128 -11.43 -0.52 5.23
C ASP A 128 -11.79 -1.03 6.64
N ALA A 129 -12.99 -0.66 7.06
CA ALA A 129 -13.51 -0.92 8.39
C ALA A 129 -13.58 -2.40 8.71
N GLY A 130 -13.96 -3.21 7.76
CA GLY A 130 -14.01 -4.63 8.02
C GLY A 130 -12.63 -5.19 8.25
N ALA A 131 -11.68 -4.66 7.51
CA ALA A 131 -10.30 -5.16 7.59
C ALA A 131 -9.67 -4.75 8.89
N ILE A 132 -9.94 -3.55 9.28
CA ILE A 132 -9.44 -2.97 10.56
C ILE A 132 -9.97 -3.79 11.71
N SER A 133 -11.26 -4.11 11.64
CA SER A 133 -11.85 -4.98 12.68
C SER A 133 -11.23 -6.34 12.75
N TYR A 134 -10.95 -6.95 11.60
CA TYR A 134 -10.26 -8.23 11.52
C TYR A 134 -8.89 -8.13 12.22
N ALA A 135 -8.15 -7.08 11.91
CA ALA A 135 -6.86 -6.91 12.52
C ALA A 135 -6.98 -6.59 14.03
N CYS A 136 -7.85 -5.67 14.42
CA CYS A 136 -8.05 -5.28 15.84
C CYS A 136 -8.41 -6.46 16.76
N ARG A 137 -9.17 -7.43 16.25
CA ARG A 137 -9.42 -8.65 17.04
C ARG A 137 -8.15 -9.33 17.55
N GLU A 138 -7.14 -9.57 16.69
CA GLU A 138 -5.92 -10.16 17.14
C GLU A 138 -5.07 -9.11 17.93
N ILE A 139 -5.15 -7.84 17.55
CA ILE A 139 -4.29 -6.84 18.24
C ILE A 139 -4.77 -6.84 19.70
N SER A 140 -6.06 -6.82 19.89
CA SER A 140 -6.60 -6.85 21.28
C SER A 140 -6.19 -8.10 22.03
N GLU A 141 -6.28 -9.29 21.40
CA GLU A 141 -5.91 -10.49 22.13
C GLU A 141 -4.48 -10.66 22.28
N ARG A 142 -3.64 -10.39 21.25
CA ARG A 142 -2.25 -10.68 21.35
C ARG A 142 -1.50 -9.69 22.21
N TYR A 143 -1.83 -8.41 22.11
CA TYR A 143 -1.04 -7.40 22.88
C TYR A 143 -1.69 -6.90 24.20
N PHE A 144 -2.99 -6.73 24.23
CA PHE A 144 -3.65 -6.18 25.42
C PHE A 144 -4.14 -7.23 26.39
N ASP A 145 -4.46 -8.44 25.94
CA ASP A 145 -5.09 -9.41 26.86
C ASP A 145 -4.32 -9.65 28.13
N PRO A 146 -3.04 -9.85 28.04
CA PRO A 146 -2.37 -10.13 29.31
C PRO A 146 -2.49 -9.04 30.38
N ALA A 147 -2.37 -7.78 29.99
CA ALA A 147 -2.45 -6.69 30.96
C ALA A 147 -3.90 -6.50 31.38
N PHE A 148 -4.84 -6.65 30.42
CA PHE A 148 -6.24 -6.61 30.73
C PHE A 148 -6.63 -7.61 31.82
N TRP A 149 -6.24 -8.88 31.65
CA TRP A 149 -6.61 -9.87 32.64
C TRP A 149 -5.85 -9.67 33.98
N ALA A 150 -4.63 -9.16 33.93
CA ALA A 150 -3.93 -8.83 35.15
C ALA A 150 -4.66 -7.76 35.90
N ALA A 151 -5.16 -6.74 35.20
CA ALA A 151 -5.93 -5.72 35.85
C ALA A 151 -7.21 -6.30 36.39
N VAL A 152 -7.84 -7.22 35.66
CA VAL A 152 -9.07 -7.82 36.12
C VAL A 152 -8.79 -8.63 37.42
N ASP A 153 -7.70 -9.42 37.41
CA ASP A 153 -7.24 -10.20 38.58
C ASP A 153 -6.95 -9.34 39.81
N GLY A 154 -6.56 -8.07 39.61
CA GLY A 154 -6.33 -7.11 40.66
C GLY A 154 -7.46 -6.14 41.04
N LEU A 155 -8.71 -6.44 40.69
CA LEU A 155 -9.79 -5.47 40.90
C LEU A 155 -10.06 -5.20 42.40
N GLY A 156 -10.00 -6.26 43.21
CA GLY A 156 -10.34 -6.12 44.62
C GLY A 156 -11.84 -6.18 44.87
N TYR A 157 -12.58 -6.64 43.90
CA TYR A 157 -13.97 -6.85 44.11
C TYR A 157 -14.44 -7.66 43.01
N THR A 158 -15.72 -8.08 43.12
CA THR A 158 -16.30 -8.86 42.08
C THR A 158 -17.33 -8.03 41.29
N PRO A 159 -17.11 -7.84 39.95
CA PRO A 159 -18.10 -6.93 39.27
C PRO A 159 -19.44 -7.55 39.17
N THR A 160 -20.48 -6.71 39.13
CA THR A 160 -21.88 -7.15 38.89
C THR A 160 -22.50 -6.63 37.58
N THR A 161 -22.14 -5.40 37.17
CA THR A 161 -22.47 -4.91 35.86
C THR A 161 -21.27 -4.17 35.29
N VAL A 162 -20.90 -4.54 34.07
CA VAL A 162 -19.73 -4.04 33.45
C VAL A 162 -20.17 -3.31 32.18
N ALA A 163 -19.69 -2.12 32.02
CA ALA A 163 -19.91 -1.34 30.76
C ALA A 163 -18.58 -1.23 29.99
N ASP A 164 -18.59 -1.53 28.69
CA ASP A 164 -17.43 -1.46 27.81
C ASP A 164 -17.70 -0.31 26.77
N LEU A 165 -16.83 0.69 26.78
CA LEU A 165 -16.87 1.80 25.83
C LEU A 165 -16.14 1.49 24.56
N GLY A 166 -16.82 1.60 23.43
CA GLY A 166 -16.23 1.22 22.16
C GLY A 166 -16.21 -0.29 22.06
N SER A 167 -17.36 -0.85 22.33
CA SER A 167 -17.54 -2.28 22.50
C SER A 167 -17.30 -3.18 21.29
N GLY A 168 -17.33 -2.60 20.07
CA GLY A 168 -17.03 -3.39 18.90
C GLY A 168 -17.91 -4.60 18.67
N SER A 169 -17.24 -5.73 18.48
CA SER A 169 -17.78 -7.06 18.28
C SER A 169 -18.40 -7.64 19.54
N GLY A 170 -18.26 -6.99 20.68
CA GLY A 170 -18.81 -7.54 21.88
C GLY A 170 -17.88 -8.59 22.58
N GLU A 171 -16.73 -8.88 22.01
CA GLU A 171 -15.88 -9.98 22.50
C GLU A 171 -15.43 -9.79 23.93
N ARG A 172 -14.99 -8.57 24.28
CA ARG A 172 -14.51 -8.30 25.59
C ARG A 172 -15.61 -8.52 26.64
N LEU A 173 -16.84 -8.09 26.35
CA LEU A 173 -17.91 -8.28 27.28
C LEU A 173 -18.27 -9.79 27.47
N ILE A 174 -18.18 -10.56 26.38
CA ILE A 174 -18.38 -12.00 26.43
C ILE A 174 -17.30 -12.67 27.30
N GLN A 175 -16.05 -12.25 27.13
CA GLN A 175 -14.99 -12.83 27.95
C GLN A 175 -15.14 -12.49 29.45
N ILE A 176 -15.63 -11.30 29.77
CA ILE A 176 -15.86 -10.94 31.14
C ILE A 176 -17.04 -11.74 31.71
N ALA A 177 -18.05 -11.92 30.89
CA ALA A 177 -19.20 -12.70 31.31
C ALA A 177 -18.82 -14.18 31.61
N ARG A 178 -17.89 -14.73 30.82
CA ARG A 178 -17.36 -16.08 31.06
C ARG A 178 -16.55 -16.11 32.34
N ARG A 179 -15.78 -15.06 32.61
CA ARG A 179 -15.00 -15.02 33.80
C ARG A 179 -15.89 -14.92 35.04
N PHE A 180 -16.99 -14.20 34.95
CA PHE A 180 -17.79 -13.85 36.12
C PHE A 180 -19.24 -14.22 35.80
N PRO A 181 -19.62 -15.53 35.99
CA PRO A 181 -20.94 -15.98 35.67
C PRO A 181 -22.01 -15.14 36.27
N GLY A 182 -23.04 -14.85 35.53
CA GLY A 182 -24.06 -13.95 36.07
C GLY A 182 -23.81 -12.42 36.00
N VAL A 183 -22.57 -11.93 35.75
CA VAL A 183 -22.34 -10.46 35.62
C VAL A 183 -23.26 -9.99 34.47
N ARG A 184 -23.75 -8.78 34.51
CA ARG A 184 -24.48 -8.24 33.34
C ARG A 184 -23.47 -7.37 32.56
N GLY A 185 -23.59 -7.29 31.25
CA GLY A 185 -22.74 -6.40 30.45
C GLY A 185 -23.54 -5.41 29.62
N LEU A 186 -22.94 -4.27 29.37
CA LEU A 186 -23.48 -3.19 28.57
C LEU A 186 -22.35 -2.59 27.71
N GLY A 187 -22.56 -2.61 26.44
CA GLY A 187 -21.57 -2.18 25.50
C GLY A 187 -22.12 -0.92 24.88
N VAL A 188 -21.30 0.10 24.81
CA VAL A 188 -21.65 1.37 24.14
C VAL A 188 -20.73 1.52 22.95
N ASP A 189 -21.29 1.73 21.76
CA ASP A 189 -20.49 1.93 20.56
C ASP A 189 -21.24 2.94 19.71
N ILE A 190 -20.50 3.83 19.09
CA ILE A 190 -21.06 4.90 18.23
C ILE A 190 -21.56 4.38 16.90
N ALA A 191 -21.13 3.17 16.50
CA ALA A 191 -21.42 2.64 15.20
C ALA A 191 -22.56 1.61 15.22
N ASP A 192 -23.66 1.93 14.52
CA ASP A 192 -24.83 1.11 14.50
C ASP A 192 -24.48 -0.27 13.96
N GLY A 193 -23.55 -0.31 13.02
CA GLY A 193 -23.06 -1.57 12.46
C GLY A 193 -22.42 -2.45 13.51
N ALA A 194 -21.66 -1.85 14.43
CA ALA A 194 -21.00 -2.65 15.52
C ALA A 194 -22.03 -3.08 16.48
N ILE A 195 -23.05 -2.24 16.74
CA ILE A 195 -24.13 -2.69 17.60
C ILE A 195 -24.81 -3.91 17.02
N ALA A 196 -25.15 -3.84 15.74
CA ALA A 196 -25.82 -4.99 15.13
C ALA A 196 -24.93 -6.27 15.17
N MET A 197 -23.66 -6.18 14.82
CA MET A 197 -22.76 -7.35 14.83
C MET A 197 -22.62 -7.92 16.21
N ALA A 198 -22.49 -7.07 17.20
CA ALA A 198 -22.32 -7.50 18.57
C ALA A 198 -23.52 -8.18 19.10
N GLU A 199 -24.70 -7.60 18.80
CA GLU A 199 -25.95 -8.22 19.18
C GLU A 199 -26.08 -9.62 18.58
N LYS A 200 -25.67 -9.77 17.34
CA LYS A 200 -25.74 -11.07 16.67
C LYS A 200 -24.82 -12.06 17.37
N GLU A 201 -23.60 -11.65 17.68
CA GLU A 201 -22.56 -12.55 18.29
C GLU A 201 -22.94 -13.02 19.67
N VAL A 202 -23.44 -12.11 20.46
CA VAL A 202 -23.82 -12.38 21.80
C VAL A 202 -25.01 -13.35 21.86
N ALA A 203 -26.00 -13.10 21.03
CA ALA A 203 -27.12 -14.04 20.82
C ALA A 203 -26.59 -15.40 20.39
N ALA A 204 -25.83 -15.48 19.33
CA ALA A 204 -25.22 -16.75 18.90
C ALA A 204 -24.47 -17.53 19.99
N LYS A 205 -23.76 -16.81 20.86
CA LYS A 205 -22.97 -17.43 21.88
C LYS A 205 -23.74 -17.68 23.15
N GLY A 206 -25.01 -17.37 23.19
CA GLY A 206 -25.84 -17.64 24.36
C GLY A 206 -25.91 -16.59 25.46
N PHE A 207 -25.49 -15.34 25.19
CA PHE A 207 -25.39 -14.30 26.24
C PHE A 207 -26.35 -13.15 25.99
N GLY A 208 -27.37 -13.42 25.18
CA GLY A 208 -28.36 -12.42 24.84
C GLY A 208 -29.12 -11.83 25.98
N ASP A 209 -29.38 -12.61 27.01
CA ASP A 209 -30.17 -12.10 28.12
C ASP A 209 -29.24 -11.39 29.14
N GLN A 210 -27.95 -11.61 29.05
CA GLN A 210 -26.97 -11.03 30.00
C GLN A 210 -26.22 -9.75 29.51
N ILE A 211 -26.03 -9.62 28.20
CA ILE A 211 -25.26 -8.55 27.58
C ILE A 211 -26.16 -7.70 26.59
N SER A 212 -26.24 -6.38 26.81
CA SER A 212 -26.96 -5.46 25.90
C SER A 212 -26.02 -4.43 25.35
N PHE A 213 -26.47 -3.74 24.31
CA PHE A 213 -25.68 -2.78 23.57
C PHE A 213 -26.54 -1.52 23.36
N VAL A 214 -25.93 -0.37 23.54
CA VAL A 214 -26.58 0.93 23.19
C VAL A 214 -25.71 1.76 22.28
N ARG A 215 -26.28 2.34 21.21
CA ARG A 215 -25.49 3.19 20.33
C ARG A 215 -25.33 4.51 21.04
N GLY A 216 -24.12 5.04 21.08
CA GLY A 216 -23.81 6.20 21.82
C GLY A 216 -22.37 6.59 21.60
N ASP A 217 -22.10 7.90 21.76
CA ASP A 217 -20.77 8.44 21.56
C ASP A 217 -20.23 8.58 22.98
N ALA A 218 -19.12 7.92 23.26
CA ALA A 218 -18.53 7.99 24.61
C ALA A 218 -17.96 9.36 24.92
N ARG A 219 -17.72 10.19 23.91
CA ARG A 219 -17.26 11.54 24.17
C ARG A 219 -18.41 12.44 24.71
N THR A 220 -19.67 12.03 24.50
CA THR A 220 -20.85 12.72 25.01
C THR A 220 -21.75 11.70 25.73
N ILE A 221 -21.13 10.97 26.67
CA ILE A 221 -21.78 9.84 27.39
C ILE A 221 -22.99 10.33 28.20
N ASP A 222 -22.93 11.57 28.59
CA ASP A 222 -24.10 12.24 29.23
C ASP A 222 -25.35 12.31 28.42
N GLN A 223 -25.29 12.03 27.12
CA GLN A 223 -26.47 12.01 26.25
C GLN A 223 -26.97 10.67 25.96
N VAL A 224 -26.29 9.63 26.48
CA VAL A 224 -26.68 8.27 26.05
C VAL A 224 -27.80 7.75 26.93
N SER A 225 -28.92 7.38 26.33
CA SER A 225 -30.04 6.81 27.05
C SER A 225 -29.91 5.26 27.12
N ALA A 226 -29.72 4.72 28.32
CA ALA A 226 -29.54 3.25 28.45
C ALA A 226 -30.35 2.67 29.60
N ARG A 227 -31.65 2.98 29.59
CA ARG A 227 -32.60 2.52 30.61
C ARG A 227 -32.21 2.73 32.08
N GLY A 228 -31.45 3.76 32.40
CA GLY A 228 -30.95 3.91 33.76
C GLY A 228 -29.87 2.87 34.25
N GLU A 229 -29.45 2.02 33.35
CA GLU A 229 -28.50 0.93 33.68
C GLU A 229 -27.12 1.47 34.01
N PHE A 230 -26.77 2.67 33.54
CA PHE A 230 -25.40 3.16 33.82
C PHE A 230 -25.18 3.28 35.31
N ALA A 231 -26.21 3.66 36.05
CA ALA A 231 -26.00 3.83 37.45
C ALA A 231 -25.68 2.48 38.19
N GLU A 232 -26.01 1.35 37.60
CA GLU A 232 -25.77 0.02 38.19
C GLU A 232 -24.32 -0.43 37.91
N VAL A 233 -23.61 0.24 36.97
CA VAL A 233 -22.34 -0.26 36.48
C VAL A 233 -21.32 -0.15 37.59
N ASP A 234 -20.57 -1.23 37.87
CA ASP A 234 -19.41 -1.12 38.80
C ASP A 234 -18.00 -1.43 38.29
N LEU A 235 -17.93 -1.81 37.05
CA LEU A 235 -16.65 -1.87 36.30
C LEU A 235 -16.81 -1.21 34.93
N LEU A 236 -15.87 -0.34 34.59
CA LEU A 236 -15.90 0.36 33.28
C LEU A 236 -14.62 -0.07 32.56
N THR A 237 -14.72 -0.31 31.27
CA THR A 237 -13.59 -0.71 30.48
C THR A 237 -13.59 0.06 29.18
N CYS A 238 -12.39 0.35 28.66
CA CYS A 238 -12.24 1.16 27.46
C CYS A 238 -10.91 0.84 26.83
N PHE A 239 -10.94 0.08 25.78
CA PHE A 239 -9.79 -0.40 25.07
C PHE A 239 -9.74 0.02 23.59
N MET A 240 -8.56 0.50 23.24
CA MET A 240 -8.12 0.88 21.92
C MET A 240 -8.90 2.07 21.31
N MET A 241 -9.54 2.86 22.10
CA MET A 241 -10.27 4.03 21.54
C MET A 241 -10.10 5.31 22.33
N GLY A 242 -9.46 5.26 23.49
CA GLY A 242 -9.36 6.39 24.37
C GLY A 242 -8.78 7.67 23.76
N HIS A 243 -7.84 7.51 22.83
CA HIS A 243 -7.27 8.62 22.17
C HIS A 243 -8.35 9.50 21.50
N ALA A 244 -9.54 8.92 21.22
CA ALA A 244 -10.67 9.69 20.71
C ALA A 244 -11.19 10.74 21.68
N PHE A 245 -10.93 10.62 22.98
CA PHE A 245 -11.36 11.66 23.89
C PHE A 245 -10.60 12.97 23.75
N TRP A 246 -9.42 12.95 23.10
CA TRP A 246 -8.50 14.10 23.07
C TRP A 246 -9.02 15.08 21.98
N PRO A 247 -8.54 16.33 21.94
CA PRO A 247 -7.45 16.93 22.67
C PRO A 247 -7.78 17.14 24.15
N ARG A 248 -6.81 17.64 24.90
CA ARG A 248 -6.86 17.68 26.36
C ARG A 248 -8.11 18.26 26.99
N GLU A 249 -8.62 19.42 26.54
CA GLU A 249 -9.77 19.98 27.26
C GLU A 249 -10.96 19.08 27.08
N ASN A 250 -11.07 18.51 25.90
CA ASN A 250 -12.15 17.58 25.58
C ASN A 250 -12.00 16.32 26.51
N CYS A 251 -10.78 15.91 26.76
CA CYS A 251 -10.53 14.67 27.43
C CYS A 251 -10.91 14.88 28.89
N VAL A 252 -10.55 16.05 29.43
CA VAL A 252 -10.89 16.38 30.81
C VAL A 252 -12.40 16.36 31.00
N GLN A 253 -13.13 16.92 30.05
CA GLN A 253 -14.57 16.96 30.20
C GLN A 253 -15.15 15.57 30.01
N THR A 254 -14.61 14.81 29.08
CA THR A 254 -15.19 13.45 28.87
C THR A 254 -14.92 12.58 30.12
N LEU A 255 -13.75 12.70 30.70
CA LEU A 255 -13.46 11.95 31.91
C LEU A 255 -14.41 12.33 33.05
N ARG A 256 -14.74 13.63 33.20
CA ARG A 256 -15.75 14.07 34.22
C ARG A 256 -17.10 13.60 33.95
N LYS A 257 -17.47 13.63 32.68
CA LYS A 257 -18.76 13.12 32.27
C LYS A 257 -18.88 11.62 32.59
N LEU A 258 -17.86 10.86 32.21
CA LEU A 258 -17.88 9.39 32.58
C LEU A 258 -17.98 9.18 34.09
N ARG A 259 -17.23 9.95 34.87
CA ARG A 259 -17.31 9.88 36.31
C ARG A 259 -18.73 10.15 36.85
N ALA A 260 -19.43 11.10 36.25
CA ALA A 260 -20.79 11.42 36.68
C ALA A 260 -21.84 10.44 36.12
N ALA A 261 -21.65 9.94 34.94
CA ALA A 261 -22.69 9.01 34.35
C ALA A 261 -22.58 7.56 34.94
N PHE A 262 -21.44 7.26 35.55
CA PHE A 262 -21.20 5.84 36.11
C PHE A 262 -20.78 6.09 37.53
N PRO A 263 -21.69 6.59 38.38
CA PRO A 263 -21.27 6.99 39.70
C PRO A 263 -20.93 5.78 40.61
N ASN A 264 -21.31 4.55 40.24
CA ASN A 264 -20.95 3.38 41.05
C ASN A 264 -19.81 2.57 40.50
N VAL A 265 -19.14 3.13 39.49
CA VAL A 265 -17.89 2.57 39.04
C VAL A 265 -16.84 2.68 40.10
N ARG A 266 -16.25 1.50 40.35
CA ARG A 266 -15.10 1.36 41.19
C ARG A 266 -13.86 1.48 40.35
N ARG A 267 -13.51 0.45 39.57
CA ARG A 267 -12.37 0.57 38.67
C ARG A 267 -12.80 0.87 37.26
N PHE A 268 -11.97 1.67 36.60
CA PHE A 268 -12.08 1.96 35.17
C PHE A 268 -10.76 1.56 34.56
N LEU A 269 -10.80 0.51 33.73
CA LEU A 269 -9.62 -0.03 33.06
C LEU A 269 -9.58 0.60 31.68
N LEU A 270 -8.50 1.34 31.42
CA LEU A 270 -8.32 2.10 30.17
C LEU A 270 -7.01 1.65 29.49
N GLY A 271 -7.13 1.04 28.32
CA GLY A 271 -6.04 0.54 27.49
C GLY A 271 -5.96 1.21 26.14
N ASP A 272 -4.77 1.70 25.76
CA ASP A 272 -4.59 2.28 24.45
C ASP A 272 -3.14 2.33 24.08
N ALA A 273 -2.90 2.58 22.79
CA ALA A 273 -1.61 2.89 22.30
C ALA A 273 -1.42 4.42 22.35
N THR A 274 -0.18 4.88 22.48
CA THR A 274 0.11 6.28 22.66
C THR A 274 1.13 6.76 21.61
N ARG A 275 1.29 8.08 21.51
CA ARG A 275 2.34 8.67 20.67
C ARG A 275 3.65 8.68 21.43
N THR A 276 4.69 8.24 20.75
CA THR A 276 5.98 8.08 21.36
C THR A 276 6.70 9.43 21.31
N VAL A 277 7.82 9.53 22.00
CA VAL A 277 8.62 10.79 22.00
C VAL A 277 10.09 10.45 21.99
N GLY A 278 10.83 11.10 21.10
CA GLY A 278 12.28 10.98 21.13
C GLY A 278 12.92 9.81 20.42
N ILE A 279 12.15 8.94 19.76
CA ILE A 279 12.76 7.74 19.19
C ILE A 279 13.50 8.13 17.88
N PRO A 280 14.77 7.77 17.75
CA PRO A 280 15.49 8.10 16.50
C PRO A 280 14.80 7.45 15.29
N ASP A 281 14.72 8.21 14.19
CA ASP A 281 14.02 7.77 12.98
C ASP A 281 14.37 6.35 12.48
N ARG A 282 15.66 6.01 12.48
CA ARG A 282 16.13 4.74 12.01
C ARG A 282 15.96 3.68 13.10
N GLU A 283 15.37 4.03 14.23
CA GLU A 283 15.14 3.01 15.26
C GLU A 283 13.66 2.85 15.56
N LEU A 284 12.79 3.43 14.77
CA LEU A 284 11.40 3.30 15.07
C LEU A 284 11.03 1.82 15.06
N PRO A 285 10.36 1.34 16.10
CA PRO A 285 9.94 -0.03 16.13
C PRO A 285 8.70 -0.24 15.27
N VAL A 286 8.29 -1.49 15.17
CA VAL A 286 7.10 -1.81 14.38
C VAL A 286 5.88 -1.08 14.91
N PHE A 287 4.97 -0.72 14.00
CA PHE A 287 3.72 -0.01 14.29
C PHE A 287 3.82 1.48 14.53
N THR A 288 4.80 1.91 15.31
CA THR A 288 4.84 3.28 15.85
C THR A 288 4.64 4.31 14.73
N LEU A 289 5.42 4.20 13.67
CA LEU A 289 5.36 5.16 12.57
C LEU A 289 3.95 5.17 11.88
N GLY A 290 3.41 3.99 11.58
CA GLY A 290 2.10 3.93 10.95
C GLY A 290 0.98 4.51 11.80
N PHE A 291 1.01 4.19 13.07
CA PHE A 291 -0.05 4.64 13.99
C PHE A 291 -0.02 6.16 14.08
N GLU A 292 1.16 6.70 14.28
CA GLU A 292 1.29 8.13 14.46
C GLU A 292 1.04 8.86 13.15
N PHE A 293 1.75 8.48 12.10
CA PHE A 293 1.65 9.15 10.81
C PHE A 293 0.23 9.04 10.35
N GLY A 294 -0.37 7.88 10.53
CA GLY A 294 -1.77 7.67 10.10
C GLY A 294 -2.72 8.62 10.80
N HIS A 295 -2.58 8.73 12.12
CA HIS A 295 -3.45 9.70 12.89
C HIS A 295 -3.19 11.16 12.49
N ASP A 296 -1.94 11.48 12.20
CA ASP A 296 -1.61 12.81 11.67
C ASP A 296 -2.23 13.03 10.28
N MET A 297 -2.31 12.02 9.42
CA MET A 297 -2.94 12.17 8.10
C MET A 297 -4.40 12.34 8.25
N MET A 298 -4.97 11.62 9.22
CA MET A 298 -6.39 11.71 9.46
C MET A 298 -6.78 12.96 10.22
N GLY A 299 -5.82 13.75 10.71
CA GLY A 299 -6.16 14.87 11.58
C GLY A 299 -6.66 14.52 12.96
N GLU A 300 -6.36 13.34 13.51
CA GLU A 300 -6.82 12.99 14.85
C GLU A 300 -5.72 13.10 15.86
N TYR A 301 -6.09 13.61 17.00
CA TYR A 301 -5.17 13.76 18.09
C TYR A 301 -4.66 12.40 18.65
N LEU A 302 -3.44 12.34 19.10
CA LEU A 302 -2.89 11.14 19.74
C LEU A 302 -2.02 11.64 20.84
N PRO A 303 -2.40 11.38 22.09
CA PRO A 303 -1.60 11.80 23.20
C PRO A 303 -0.41 10.93 23.49
N THR A 304 0.56 11.52 24.18
CA THR A 304 1.61 10.71 24.78
C THR A 304 1.16 10.07 26.10
N LEU A 305 1.98 9.16 26.59
CA LEU A 305 1.78 8.51 27.88
C LEU A 305 1.73 9.59 28.99
N ASP A 306 2.72 10.49 28.95
CA ASP A 306 2.75 11.61 29.88
C ASP A 306 1.50 12.50 29.86
N GLU A 307 0.97 12.81 28.67
CA GLU A 307 -0.28 13.54 28.61
C GLU A 307 -1.44 12.81 29.34
N TRP A 308 -1.56 11.49 29.15
CA TRP A 308 -2.57 10.70 29.88
C TRP A 308 -2.34 10.86 31.40
N ASP A 309 -1.10 10.64 31.81
CA ASP A 309 -0.75 10.59 33.21
C ASP A 309 -1.17 11.94 33.82
N GLY A 310 -0.98 13.02 33.06
CA GLY A 310 -1.26 14.38 33.57
C GLY A 310 -2.72 14.81 33.41
N VAL A 311 -3.59 13.98 32.87
CA VAL A 311 -5.01 14.37 32.71
C VAL A 311 -5.96 13.77 33.74
N PHE A 312 -5.57 12.68 34.37
CA PHE A 312 -6.53 11.94 35.15
C PHE A 312 -7.15 12.73 36.31
N GLU A 313 -6.29 13.40 37.06
CA GLU A 313 -6.73 14.07 38.27
C GLU A 313 -7.68 15.15 37.90
N GLU A 314 -7.34 15.93 36.92
CA GLU A 314 -8.25 16.98 36.47
C GLU A 314 -9.54 16.41 35.98
N GLY A 315 -9.48 15.23 35.33
CA GLY A 315 -10.70 14.60 34.84
C GLY A 315 -11.54 13.85 35.86
N GLY A 316 -11.07 13.79 37.10
CA GLY A 316 -11.79 13.24 38.23
C GLY A 316 -11.45 11.79 38.60
N TRP A 317 -10.27 11.31 38.19
CA TRP A 317 -9.84 9.93 38.45
C TRP A 317 -8.44 9.93 38.97
N ARG A 318 -8.12 8.85 39.63
CA ARG A 318 -6.83 8.57 40.16
C ARG A 318 -6.28 7.24 39.56
N CYS A 319 -5.06 7.29 39.03
CA CYS A 319 -4.44 6.12 38.48
C CYS A 319 -3.76 5.33 39.60
N VAL A 320 -4.21 4.14 39.85
CA VAL A 320 -3.62 3.33 40.91
C VAL A 320 -2.66 2.24 40.51
N LYS A 321 -2.66 1.87 39.22
CA LYS A 321 -1.74 0.89 38.71
C LYS A 321 -1.65 1.08 37.22
N LYS A 322 -0.47 0.86 36.69
CA LYS A 322 -0.21 1.01 35.32
C LYS A 322 0.60 -0.16 34.77
N HIS A 323 0.21 -0.65 33.58
CA HIS A 323 0.82 -1.84 32.98
C HIS A 323 1.42 -1.47 31.61
N ALA A 324 2.69 -1.78 31.42
CA ALA A 324 3.37 -1.66 30.08
C ALA A 324 2.96 -2.80 29.14
N ILE A 325 2.66 -2.50 27.88
CA ILE A 325 2.31 -3.53 26.88
C ILE A 325 3.63 -3.87 26.17
N ASP A 326 3.81 -5.16 25.82
CA ASP A 326 5.02 -5.58 25.11
C ASP A 326 4.89 -5.32 23.59
N SER A 327 5.65 -4.37 23.11
CA SER A 327 5.94 -4.24 21.67
C SER A 327 4.80 -3.75 20.78
N LEU A 328 3.90 -2.98 21.34
CA LEU A 328 2.88 -2.31 20.53
C LEU A 328 3.17 -0.83 20.60
N SER A 329 4.22 -0.39 19.88
CA SER A 329 4.75 0.95 20.05
C SER A 329 4.90 1.16 21.59
N VAL A 330 4.50 2.32 22.14
CA VAL A 330 4.17 2.48 23.57
C VAL A 330 2.68 2.43 23.85
N SER A 331 2.27 1.30 24.40
CA SER A 331 0.90 1.08 24.77
C SER A 331 0.84 0.73 26.28
N VAL A 332 -0.28 1.03 26.92
CA VAL A 332 -0.39 0.85 28.42
C VAL A 332 -1.85 0.49 28.71
N VAL A 333 -2.05 -0.08 29.89
CA VAL A 333 -3.34 -0.18 30.54
C VAL A 333 -3.24 0.56 31.84
N PHE A 334 -4.18 1.47 32.05
CA PHE A 334 -4.24 2.18 33.32
C PHE A 334 -5.40 1.53 34.12
N GLU A 335 -5.23 1.44 35.44
CA GLU A 335 -6.29 1.08 36.41
C GLU A 335 -6.65 2.38 37.14
N LEU A 336 -7.82 2.97 36.81
CA LEU A 336 -8.28 4.17 37.40
C LEU A 336 -9.40 3.93 38.41
N GLU A 337 -9.46 4.77 39.42
CA GLU A 337 -10.59 4.76 40.34
C GLU A 337 -10.88 6.20 40.83
N VAL B 5 20.04 -15.59 12.97
CA VAL B 5 19.84 -14.23 13.58
C VAL B 5 19.38 -14.25 15.06
N SER B 6 19.93 -13.32 15.84
CA SER B 6 19.40 -13.05 17.14
C SER B 6 17.98 -12.49 16.99
N GLU B 7 17.31 -12.51 18.10
CA GLU B 7 16.00 -11.94 18.18
C GLU B 7 16.01 -10.46 17.92
N ALA B 8 17.10 -9.79 18.30
CA ALA B 8 17.17 -8.36 18.08
C ALA B 8 17.34 -7.97 16.57
N GLN B 9 18.07 -8.81 15.85
CA GLN B 9 18.24 -8.56 14.42
C GLN B 9 16.94 -8.79 13.73
N ALA B 10 16.19 -9.78 14.19
CA ALA B 10 14.86 -10.03 13.61
C ALA B 10 13.90 -8.87 13.90
N ARG B 11 13.92 -8.38 15.13
CA ARG B 11 13.10 -7.25 15.53
C ARG B 11 13.31 -6.05 14.61
N ARG B 12 14.57 -5.73 14.38
CA ARG B 12 14.97 -4.66 13.51
C ARG B 12 14.58 -4.86 12.05
N ALA B 13 14.79 -6.04 11.53
CA ALA B 13 14.45 -6.33 10.13
C ALA B 13 12.95 -6.19 9.87
N VAL B 14 12.13 -6.79 10.75
CA VAL B 14 10.69 -6.65 10.69
C VAL B 14 10.22 -5.18 10.89
N ALA B 15 10.78 -4.40 11.83
CA ALA B 15 10.43 -2.98 11.93
C ALA B 15 10.78 -2.27 10.58
N ASP B 16 11.92 -2.65 10.00
CA ASP B 16 12.35 -2.07 8.72
C ASP B 16 11.38 -2.36 7.57
N ILE B 17 10.82 -3.58 7.56
CA ILE B 17 9.89 -3.97 6.55
C ILE B 17 8.63 -3.11 6.68
N PHE B 18 8.21 -2.93 7.93
CA PHE B 18 7.01 -2.16 8.26
C PHE B 18 7.23 -0.71 7.81
N ASN B 19 8.34 -0.13 8.20
CA ASN B 19 8.58 1.30 7.92
C ASN B 19 8.85 1.55 6.42
N SER B 20 9.52 0.58 5.79
CA SER B 20 9.64 0.56 4.31
C SER B 20 8.40 0.76 3.60
N THR B 21 7.31 0.24 4.14
CA THR B 21 6.02 0.36 3.51
C THR B 21 5.60 1.84 3.41
N LEU B 22 5.82 2.55 4.51
CA LEU B 22 5.46 3.94 4.58
C LEU B 22 6.43 4.77 3.78
N ALA B 23 7.72 4.47 3.89
CA ALA B 23 8.73 5.19 3.10
C ALA B 23 8.41 5.02 1.61
N SER B 24 8.05 3.80 1.21
CA SER B 24 7.78 3.50 -0.20
C SER B 24 6.66 4.36 -0.75
N SER B 25 5.55 4.39 -0.01
CA SER B 25 4.45 5.19 -0.42
C SER B 25 4.82 6.67 -0.43
N ALA B 26 5.66 7.05 0.54
CA ALA B 26 6.13 8.45 0.64
C ALA B 26 7.05 8.89 -0.52
N ILE B 27 7.81 7.97 -1.10
CA ILE B 27 8.68 8.35 -2.21
C ILE B 27 7.83 8.91 -3.33
N GLY B 28 6.80 8.16 -3.73
CA GLY B 28 5.86 8.66 -4.72
C GLY B 28 5.11 9.93 -4.43
N ALA B 29 4.64 10.06 -3.20
CA ALA B 29 3.99 11.25 -2.79
C ALA B 29 4.96 12.43 -2.73
N ALA B 30 6.19 12.22 -2.28
CA ALA B 30 7.14 13.29 -2.19
C ALA B 30 7.49 13.77 -3.60
N TRP B 31 7.54 12.84 -4.56
CA TRP B 31 7.77 13.23 -5.93
C TRP B 31 6.60 14.10 -6.41
N GLU B 32 5.40 13.57 -6.28
CA GLU B 32 4.23 14.25 -6.75
C GLU B 32 3.98 15.62 -6.11
N LEU B 33 4.41 15.78 -4.86
CA LEU B 33 4.16 16.99 -4.12
C LEU B 33 5.29 18.00 -4.28
N GLY B 34 6.37 17.60 -4.94
CA GLY B 34 7.40 18.59 -5.27
C GLY B 34 8.56 18.56 -4.33
N ALA B 35 8.49 17.67 -3.32
CA ALA B 35 9.52 17.67 -2.31
C ALA B 35 10.84 17.15 -2.80
N LEU B 36 10.80 16.10 -3.61
CA LEU B 36 12.08 15.46 -4.02
C LEU B 36 12.91 16.42 -4.94
N ASP B 37 12.21 17.18 -5.73
CA ASP B 37 12.86 18.20 -6.66
C ASP B 37 13.43 19.37 -5.87
N GLU B 38 12.75 19.78 -4.81
CA GLU B 38 13.27 20.83 -3.96
C GLU B 38 14.53 20.37 -3.24
N LEU B 39 14.54 19.12 -2.77
CA LEU B 39 15.72 18.59 -2.15
C LEU B 39 16.90 18.41 -3.16
N ARG B 40 16.60 18.04 -4.37
CA ARG B 40 17.66 17.86 -5.39
C ARG B 40 18.46 19.17 -5.59
N GLU B 41 17.71 20.27 -5.69
CA GLU B 41 18.25 21.61 -5.87
C GLU B 41 19.22 21.99 -4.79
N ASN B 42 18.75 21.90 -3.55
CA ASN B 42 19.44 22.50 -2.41
C ASN B 42 20.07 21.53 -1.43
N GLY B 43 19.69 20.25 -1.50
CA GLY B 43 20.22 19.22 -0.61
C GLY B 43 19.53 19.24 0.77
N LYS B 44 18.68 20.23 0.98
CA LYS B 44 17.96 20.43 2.21
C LYS B 44 16.72 21.23 1.97
N LEU B 45 15.80 21.11 2.93
CA LEU B 45 14.65 21.94 2.97
C LEU B 45 14.15 22.15 4.41
N ASP B 46 13.29 23.16 4.58
CA ASP B 46 12.63 23.50 5.85
C ASP B 46 11.21 22.98 5.85
N VAL B 47 10.97 22.07 6.77
CA VAL B 47 9.70 21.36 6.77
C VAL B 47 8.53 22.28 6.84
N SER B 48 8.49 23.23 7.76
CA SER B 48 7.30 24.15 7.86
C SER B 48 7.09 25.03 6.66
N ASP B 49 8.21 25.59 6.21
CA ASP B 49 8.26 26.41 5.00
C ASP B 49 7.67 25.61 3.81
N PHE B 50 8.06 24.35 3.70
CA PHE B 50 7.57 23.50 2.61
C PHE B 50 6.10 23.38 2.76
N ALA B 51 5.70 23.02 3.98
CA ALA B 51 4.30 22.82 4.20
C ALA B 51 3.50 24.07 3.89
N VAL B 52 3.96 25.20 4.42
CA VAL B 52 3.22 26.48 4.15
C VAL B 52 3.27 26.81 2.66
N ARG B 53 4.44 26.75 2.05
CA ARG B 53 4.46 27.06 0.58
C ARG B 53 3.50 26.21 -0.22
N HIS B 54 3.29 24.93 0.13
CA HIS B 54 2.42 24.05 -0.67
C HIS B 54 1.01 23.89 -0.06
N ASP B 55 0.72 24.67 0.99
CA ASP B 55 -0.57 24.61 1.68
C ASP B 55 -0.95 23.16 2.07
N LEU B 56 0.02 22.53 2.73
CA LEU B 56 -0.16 21.14 3.18
C LEU B 56 -0.28 21.06 4.69
N HIS B 57 -0.87 19.97 5.18
CA HIS B 57 -1.11 19.77 6.63
C HIS B 57 0.18 19.38 7.23
N GLU B 58 0.75 20.27 8.03
CA GLU B 58 2.13 20.07 8.49
C GLU B 58 2.42 18.81 9.32
N PRO B 59 1.51 18.44 10.22
CA PRO B 59 1.84 17.17 10.93
C PRO B 59 1.98 15.98 9.98
N ALA B 60 1.13 15.91 8.99
CA ALA B 60 1.27 14.88 7.92
C ALA B 60 2.54 14.99 7.05
N VAL B 61 2.94 16.22 6.72
CA VAL B 61 4.24 16.46 6.09
C VAL B 61 5.38 15.97 6.92
N VAL B 62 5.32 16.21 8.22
CA VAL B 62 6.35 15.74 9.10
C VAL B 62 6.44 14.20 9.12
N GLY B 63 5.29 13.52 9.12
CA GLY B 63 5.25 12.04 9.00
C GLY B 63 5.82 11.56 7.70
N MET B 64 5.50 12.25 6.57
CA MET B 64 6.07 11.89 5.24
C MET B 64 7.54 11.86 5.28
N PHE B 65 8.14 12.87 5.89
CA PHE B 65 9.60 12.95 5.91
C PHE B 65 10.22 11.99 6.89
N THR B 66 9.49 11.74 7.99
CA THR B 66 9.90 10.78 9.01
C THR B 66 9.94 9.37 8.41
N ALA B 67 8.93 9.05 7.59
CA ALA B 67 8.89 7.77 6.88
C ALA B 67 10.12 7.65 5.96
N LEU B 68 10.41 8.71 5.19
CA LEU B 68 11.60 8.73 4.36
C LEU B 68 12.87 8.54 5.15
N ALA B 69 12.95 9.22 6.31
CA ALA B 69 14.13 9.14 7.15
C ALA B 69 14.24 7.81 7.83
N SER B 70 13.12 7.16 8.07
CA SER B 70 13.14 5.89 8.74
C SER B 70 13.98 4.78 8.10
N VAL B 71 14.30 4.92 6.82
CA VAL B 71 15.01 3.94 6.07
C VAL B 71 16.19 4.56 5.28
N GLY B 72 16.49 5.82 5.55
CA GLY B 72 17.71 6.42 5.11
C GLY B 72 17.65 7.18 3.83
N ILE B 73 16.47 7.52 3.35
CA ILE B 73 16.31 8.34 2.16
C ILE B 73 16.63 9.79 2.41
N VAL B 74 16.12 10.30 3.52
CA VAL B 74 16.41 11.61 4.01
C VAL B 74 16.87 11.51 5.47
N ARG B 75 17.35 12.64 6.00
CA ARG B 75 17.73 12.74 7.41
C ARG B 75 17.12 14.02 7.92
N ARG B 76 16.50 13.95 9.11
CA ARG B 76 15.85 15.13 9.70
C ARG B 76 16.82 15.74 10.71
N GLU B 77 16.91 17.05 10.70
CA GLU B 77 17.91 17.80 11.49
C GLU B 77 17.20 19.06 11.97
N GLY B 78 16.90 19.09 13.24
CA GLY B 78 15.96 20.04 13.76
C GLY B 78 14.75 20.19 12.86
N ALA B 79 14.56 21.40 12.35
CA ALA B 79 13.44 21.74 11.49
C ALA B 79 13.70 21.45 10.00
N THR B 80 14.84 20.87 9.67
CA THR B 80 15.22 20.76 8.26
C THR B 80 15.19 19.30 7.91
N VAL B 81 15.00 19.04 6.63
CA VAL B 81 15.20 17.72 6.05
C VAL B 81 16.40 17.86 5.11
N VAL B 82 17.31 16.92 5.20
CA VAL B 82 18.53 16.87 4.42
C VAL B 82 18.57 15.55 3.61
N VAL B 83 19.13 15.58 2.40
CA VAL B 83 19.23 14.32 1.61
C VAL B 83 20.01 13.28 2.38
N GLY B 84 19.57 12.02 2.35
CA GLY B 84 20.28 10.97 3.05
C GLY B 84 21.06 10.03 2.14
N PRO B 85 21.65 8.98 2.71
CA PRO B 85 22.51 8.10 1.91
C PRO B 85 21.80 7.43 0.73
N TYR B 86 20.47 7.25 0.79
CA TYR B 86 19.83 6.54 -0.33
C TYR B 86 19.02 7.48 -1.17
N PHE B 87 19.23 8.80 -0.99
CA PHE B 87 18.45 9.76 -1.70
C PHE B 87 18.56 9.65 -3.23
N ASP B 88 19.77 9.63 -3.75
CA ASP B 88 19.92 9.64 -5.21
C ASP B 88 19.30 8.40 -5.88
N GLU B 89 19.53 7.23 -5.30
CA GLU B 89 18.96 5.99 -5.80
C GLU B 89 17.42 6.03 -5.70
N ALA B 90 16.87 6.49 -4.58
CA ALA B 90 15.41 6.50 -4.42
C ALA B 90 14.81 7.50 -5.37
N ASN B 91 15.43 8.66 -5.44
CA ASN B 91 14.93 9.66 -6.38
C ASN B 91 15.02 9.13 -7.83
N HIS B 92 16.12 8.44 -8.12
CA HIS B 92 16.25 7.90 -9.48
C HIS B 92 15.02 7.05 -9.87
N HIS B 93 14.58 6.21 -8.93
CA HIS B 93 13.53 5.24 -9.19
C HIS B 93 12.16 5.69 -8.67
N ARG B 94 12.00 6.99 -8.44
CA ARG B 94 10.78 7.47 -7.81
C ARG B 94 9.53 7.13 -8.55
N SER B 95 9.59 7.06 -9.90
CA SER B 95 8.38 6.77 -10.65
C SER B 95 7.95 5.31 -10.47
N LEU B 96 8.89 4.43 -10.12
CA LEU B 96 8.57 3.02 -9.88
C LEU B 96 7.86 2.81 -8.54
N PHE B 97 8.29 3.53 -7.50
CA PHE B 97 7.55 3.66 -6.24
C PHE B 97 6.15 4.22 -6.42
N HIS B 98 6.03 5.29 -7.20
CA HIS B 98 4.71 5.85 -7.49
C HIS B 98 3.78 4.82 -8.15
N TRP B 99 4.29 4.20 -9.21
CA TRP B 99 3.63 3.08 -9.91
C TRP B 99 3.14 1.97 -8.91
N LEU B 100 4.05 1.52 -8.02
CA LEU B 100 3.72 0.48 -7.05
C LEU B 100 2.68 0.90 -6.05
N ASN B 101 2.72 2.17 -5.62
CA ASN B 101 1.88 2.66 -4.58
C ASN B 101 0.69 3.44 -5.07
N GLN B 102 0.91 4.65 -5.57
CA GLN B 102 -0.25 5.49 -6.03
C GLN B 102 -0.95 4.82 -7.23
N GLY B 103 -0.23 4.19 -8.15
CA GLY B 103 -0.88 3.47 -9.27
C GLY B 103 -1.51 2.11 -8.91
N SER B 104 -0.72 1.23 -8.32
CA SER B 104 -1.06 -0.19 -8.21
C SER B 104 -1.37 -0.63 -6.78
N GLY B 105 -1.36 0.32 -5.86
CA GLY B 105 -1.41 -0.07 -4.43
C GLY B 105 -2.70 -0.83 -4.07
N GLU B 106 -3.85 -0.45 -4.67
CA GLU B 106 -5.13 -1.11 -4.39
C GLU B 106 -5.14 -2.57 -4.88
N LEU B 107 -4.39 -2.85 -5.95
CA LEU B 107 -4.20 -4.23 -6.36
C LEU B 107 -3.55 -5.07 -5.30
N PHE B 108 -2.42 -4.60 -4.78
CA PHE B 108 -1.67 -5.35 -3.80
C PHE B 108 -2.34 -5.39 -2.43
N ARG B 109 -3.05 -4.32 -2.10
CA ARG B 109 -3.72 -4.27 -0.81
C ARG B 109 -4.78 -5.36 -0.73
N ARG B 110 -5.45 -5.65 -1.85
CA ARG B 110 -6.56 -6.60 -1.91
C ARG B 110 -6.12 -8.04 -2.19
N MET B 111 -4.85 -8.28 -2.03
CA MET B 111 -4.29 -9.64 -2.15
C MET B 111 -5.22 -10.76 -1.59
N PRO B 112 -5.69 -10.63 -0.33
CA PRO B 112 -6.58 -11.67 0.24
C PRO B 112 -7.87 -11.90 -0.55
N GLN B 113 -8.34 -10.92 -1.31
CA GLN B 113 -9.57 -11.05 -2.11
C GLN B 113 -9.28 -11.35 -3.57
N VAL B 114 -8.07 -11.07 -4.05
CA VAL B 114 -7.74 -11.21 -5.44
C VAL B 114 -7.24 -12.62 -5.71
N LEU B 115 -6.60 -13.24 -4.73
CA LEU B 115 -6.04 -14.56 -4.93
C LEU B 115 -7.11 -15.73 -5.10
N PRO B 116 -8.19 -15.74 -4.28
CA PRO B 116 -9.27 -16.78 -4.43
C PRO B 116 -9.93 -16.89 -5.81
N ASN B 117 -9.90 -18.09 -6.38
CA ASN B 117 -10.43 -18.31 -7.69
C ASN B 117 -11.85 -17.90 -7.81
N GLU B 118 -12.63 -18.12 -6.76
CA GLU B 118 -14.04 -17.78 -6.81
C GLU B 118 -14.25 -16.28 -7.07
N ASN B 119 -13.29 -15.42 -6.75
CA ASN B 119 -13.46 -13.95 -6.92
C ASN B 119 -13.03 -13.44 -8.25
N ARG B 120 -12.28 -14.25 -8.98
CA ARG B 120 -11.60 -13.80 -10.18
C ARG B 120 -12.50 -13.71 -11.43
N THR B 121 -13.55 -12.93 -11.37
CA THR B 121 -14.40 -12.75 -12.53
C THR B 121 -14.79 -11.31 -12.48
N GLY B 122 -15.27 -10.82 -13.61
CA GLY B 122 -15.69 -9.43 -13.75
C GLY B 122 -14.55 -8.53 -13.40
N LYS B 123 -14.87 -7.49 -12.65
CA LYS B 123 -13.91 -6.51 -12.31
C LYS B 123 -13.47 -6.89 -10.92
N PHE B 124 -12.41 -7.66 -10.82
CA PHE B 124 -11.97 -8.14 -9.51
C PHE B 124 -10.72 -7.47 -8.92
N TYR B 125 -10.23 -6.43 -9.59
CA TYR B 125 -9.23 -5.57 -9.00
C TYR B 125 -9.38 -4.17 -9.57
N GLN B 126 -8.71 -3.24 -8.91
CA GLN B 126 -8.84 -1.83 -9.24
C GLN B 126 -7.48 -1.15 -9.23
N LEU B 127 -7.10 -0.64 -10.39
CA LEU B 127 -5.96 0.25 -10.55
C LEU B 127 -6.38 1.74 -10.57
N ASP B 128 -5.50 2.63 -10.13
CA ASP B 128 -5.71 4.08 -10.35
C ASP B 128 -5.07 4.52 -11.68
N ALA B 129 -5.93 4.67 -12.71
CA ALA B 129 -5.44 4.78 -14.10
C ALA B 129 -4.68 6.07 -14.30
N GLY B 130 -5.17 7.13 -13.68
CA GLY B 130 -4.54 8.44 -13.74
C GLY B 130 -3.22 8.45 -13.05
N ALA B 131 -3.11 7.77 -11.92
CA ALA B 131 -1.78 7.69 -11.25
C ALA B 131 -0.82 6.90 -12.07
N ILE B 132 -1.30 5.81 -12.67
CA ILE B 132 -0.40 4.95 -13.45
C ILE B 132 0.09 5.74 -14.65
N SER B 133 -0.83 6.45 -15.30
CA SER B 133 -0.39 7.21 -16.43
C SER B 133 0.63 8.31 -16.01
N TYR B 134 0.47 8.97 -14.85
CA TYR B 134 1.47 9.94 -14.31
C TYR B 134 2.86 9.30 -14.15
N ALA B 135 2.91 8.07 -13.63
CA ALA B 135 4.23 7.40 -13.39
C ALA B 135 4.84 6.95 -14.73
N CYS B 136 3.98 6.40 -15.59
CA CYS B 136 4.41 5.79 -16.87
C CYS B 136 5.08 6.85 -17.75
N ARG B 137 4.63 8.07 -17.62
CA ARG B 137 5.23 9.19 -18.31
C ARG B 137 6.66 9.29 -17.98
N GLU B 138 7.00 9.22 -16.70
CA GLU B 138 8.38 9.36 -16.35
C GLU B 138 9.09 8.04 -16.60
N ILE B 139 8.45 6.90 -16.40
CA ILE B 139 9.16 5.61 -16.61
C ILE B 139 9.70 5.59 -18.09
N SER B 140 8.83 6.05 -19.00
CA SER B 140 9.06 6.03 -20.41
C SER B 140 10.31 6.80 -20.75
N GLU B 141 10.42 8.01 -20.21
CA GLU B 141 11.56 8.90 -20.45
C GLU B 141 12.77 8.47 -19.72
N ARG B 142 12.64 8.17 -18.44
CA ARG B 142 13.80 7.77 -17.66
C ARG B 142 14.41 6.38 -18.06
N TYR B 143 13.58 5.38 -18.34
CA TYR B 143 14.20 4.10 -18.55
C TYR B 143 14.36 3.74 -20.04
N PHE B 144 13.39 4.12 -20.87
CA PHE B 144 13.34 3.66 -22.28
C PHE B 144 14.00 4.62 -23.30
N ASP B 145 14.11 5.90 -22.96
CA ASP B 145 14.74 6.89 -23.87
C ASP B 145 16.15 6.61 -24.35
N PRO B 146 17.08 6.21 -23.48
CA PRO B 146 18.40 6.02 -24.10
C PRO B 146 18.43 4.97 -25.25
N ALA B 147 17.82 3.83 -25.03
CA ALA B 147 17.76 2.77 -26.01
C ALA B 147 16.82 3.15 -27.16
N PHE B 148 15.71 3.83 -26.87
CA PHE B 148 14.84 4.26 -27.94
C PHE B 148 15.64 5.17 -28.90
N TRP B 149 16.32 6.21 -28.37
CA TRP B 149 17.07 7.13 -29.23
C TRP B 149 18.27 6.48 -29.91
N ALA B 150 18.89 5.52 -29.24
CA ALA B 150 19.95 4.71 -29.86
C ALA B 150 19.40 3.97 -31.06
N ALA B 151 18.21 3.38 -30.92
CA ALA B 151 17.63 2.66 -32.05
C ALA B 151 17.28 3.66 -33.17
N VAL B 152 16.71 4.81 -32.82
CA VAL B 152 16.34 5.82 -33.80
C VAL B 152 17.61 6.26 -34.55
N ASP B 153 18.70 6.40 -33.85
CA ASP B 153 19.95 6.86 -34.44
C ASP B 153 20.60 5.80 -35.36
N GLY B 154 20.26 4.52 -35.25
CA GLY B 154 20.67 3.54 -36.27
C GLY B 154 19.64 3.07 -37.30
N LEU B 155 18.59 3.86 -37.55
CA LEU B 155 17.55 3.46 -38.52
C LEU B 155 18.14 3.22 -39.96
N GLY B 156 19.11 4.02 -40.32
CA GLY B 156 19.62 4.02 -41.69
C GLY B 156 18.73 4.72 -42.70
N TYR B 157 17.65 5.34 -42.23
CA TYR B 157 16.86 6.17 -43.09
C TYR B 157 16.17 7.27 -42.31
N THR B 158 15.55 8.19 -43.01
CA THR B 158 14.86 9.28 -42.39
C THR B 158 13.36 8.98 -42.49
N PRO B 159 12.69 8.78 -41.35
CA PRO B 159 11.28 8.46 -41.48
C PRO B 159 10.55 9.63 -42.00
N THR B 160 9.44 9.33 -42.69
CA THR B 160 8.54 10.34 -43.21
C THR B 160 7.21 10.30 -42.46
N THR B 161 6.72 9.10 -42.16
CA THR B 161 5.55 8.98 -41.28
C THR B 161 5.78 7.87 -40.23
N VAL B 162 5.57 8.22 -38.96
CA VAL B 162 5.76 7.26 -37.89
C VAL B 162 4.45 7.03 -37.24
N ALA B 163 4.16 5.77 -36.99
CA ALA B 163 2.99 5.41 -36.20
C ALA B 163 3.46 4.75 -34.88
N ASP B 164 2.81 5.14 -33.78
CA ASP B 164 3.15 4.73 -32.44
C ASP B 164 1.93 4.05 -31.88
N LEU B 165 2.13 2.78 -31.51
CA LEU B 165 1.05 1.94 -30.98
C LEU B 165 1.06 2.04 -29.48
N GLY B 166 -0.07 2.38 -28.90
CA GLY B 166 -0.10 2.68 -27.44
C GLY B 166 0.40 4.11 -27.23
N SER B 167 -0.08 5.06 -28.03
CA SER B 167 0.49 6.41 -28.08
C SER B 167 0.39 7.22 -26.79
N GLY B 168 -0.56 6.88 -25.90
CA GLY B 168 -0.78 7.61 -24.62
C GLY B 168 -0.87 9.13 -24.71
N SER B 169 0.02 9.80 -23.97
CA SER B 169 0.18 11.28 -23.95
C SER B 169 0.51 11.90 -25.29
N GLY B 170 0.98 11.10 -26.26
CA GLY B 170 1.47 11.66 -27.51
C GLY B 170 2.93 12.13 -27.50
N GLU B 171 3.58 11.97 -26.35
CA GLU B 171 4.94 12.52 -26.12
C GLU B 171 6.01 11.90 -27.02
N ARG B 172 5.99 10.59 -27.28
CA ARG B 172 6.98 10.02 -28.19
C ARG B 172 6.83 10.61 -29.61
N LEU B 173 5.61 10.74 -30.08
CA LEU B 173 5.37 11.32 -31.42
C LEU B 173 5.88 12.76 -31.48
N ILE B 174 5.67 13.48 -30.43
CA ILE B 174 6.08 14.89 -30.38
C ILE B 174 7.58 14.98 -30.34
N GLN B 175 8.23 14.14 -29.52
CA GLN B 175 9.71 14.09 -29.54
C GLN B 175 10.23 13.69 -30.91
N ILE B 176 9.60 12.71 -31.57
CA ILE B 176 10.09 12.37 -32.90
C ILE B 176 9.92 13.58 -33.85
N ALA B 177 8.80 14.29 -33.73
CA ALA B 177 8.55 15.48 -34.59
C ALA B 177 9.53 16.64 -34.28
N ARG B 178 9.97 16.79 -33.04
CA ARG B 178 11.02 17.75 -32.78
C ARG B 178 12.39 17.37 -33.39
N ARG B 179 12.71 16.09 -33.55
CA ARG B 179 14.00 15.65 -34.17
C ARG B 179 13.96 15.57 -35.70
N PHE B 180 12.80 15.22 -36.25
CA PHE B 180 12.62 15.08 -37.67
C PHE B 180 11.55 16.10 -38.19
N PRO B 181 11.98 17.37 -38.47
CA PRO B 181 10.93 18.38 -38.75
C PRO B 181 10.10 18.03 -39.99
N GLY B 182 8.81 18.19 -39.89
CA GLY B 182 7.94 17.80 -40.98
C GLY B 182 7.81 16.30 -41.19
N VAL B 183 8.30 15.47 -40.25
CA VAL B 183 7.81 14.08 -40.17
C VAL B 183 6.32 14.13 -39.85
N ARG B 184 5.51 13.19 -40.35
CA ARG B 184 4.13 13.08 -39.83
C ARG B 184 3.96 11.98 -38.77
N GLY B 185 3.06 12.18 -37.83
CA GLY B 185 2.86 11.24 -36.78
C GLY B 185 1.44 10.73 -36.77
N LEU B 186 1.28 9.45 -36.46
CA LEU B 186 0.00 8.87 -36.17
C LEU B 186 0.08 8.02 -34.92
N GLY B 187 -0.75 8.33 -33.93
CA GLY B 187 -0.89 7.54 -32.73
C GLY B 187 -2.13 6.70 -32.78
N VAL B 188 -1.98 5.49 -32.29
CA VAL B 188 -3.05 4.59 -32.10
C VAL B 188 -3.14 4.25 -30.65
N ASP B 189 -4.31 4.44 -30.07
CA ASP B 189 -4.49 4.14 -28.68
C ASP B 189 -5.93 3.72 -28.51
N ILE B 190 -6.11 2.76 -27.63
CA ILE B 190 -7.38 2.16 -27.38
C ILE B 190 -8.24 3.07 -26.53
N ALA B 191 -7.65 3.86 -25.62
CA ALA B 191 -8.43 4.74 -24.74
C ALA B 191 -8.83 6.08 -25.35
N ASP B 192 -10.13 6.36 -25.34
CA ASP B 192 -10.68 7.69 -25.63
C ASP B 192 -9.97 8.82 -24.86
N GLY B 193 -9.62 8.51 -23.62
CA GLY B 193 -8.97 9.44 -22.71
C GLY B 193 -7.64 9.87 -23.28
N ALA B 194 -6.80 8.86 -23.55
CA ALA B 194 -5.44 9.07 -24.07
C ALA B 194 -5.54 9.86 -25.38
N ILE B 195 -6.46 9.48 -26.24
CA ILE B 195 -6.62 10.22 -27.48
C ILE B 195 -6.84 11.70 -27.21
N ALA B 196 -7.69 12.04 -26.26
CA ALA B 196 -8.06 13.44 -26.13
C ALA B 196 -6.92 14.24 -25.43
N MET B 197 -6.35 13.68 -24.38
CA MET B 197 -5.13 14.24 -23.78
C MET B 197 -4.06 14.54 -24.86
N ALA B 198 -3.74 13.54 -25.67
CA ALA B 198 -2.73 13.69 -26.72
C ALA B 198 -3.07 14.73 -27.79
N GLU B 199 -4.32 14.75 -28.26
CA GLU B 199 -4.73 15.80 -29.21
C GLU B 199 -4.51 17.18 -28.63
N LYS B 200 -4.94 17.33 -27.40
CA LYS B 200 -4.82 18.60 -26.71
C LYS B 200 -3.37 19.04 -26.66
N GLU B 201 -2.53 18.13 -26.17
CA GLU B 201 -1.11 18.40 -25.96
C GLU B 201 -0.39 18.70 -27.29
N VAL B 202 -0.65 17.91 -28.30
CA VAL B 202 -0.15 18.19 -29.62
C VAL B 202 -0.56 19.62 -30.05
N ALA B 203 -1.84 19.96 -29.93
CA ALA B 203 -2.32 21.30 -30.32
C ALA B 203 -1.53 22.40 -29.58
N ALA B 204 -1.53 22.28 -28.26
CA ALA B 204 -0.79 23.16 -27.38
C ALA B 204 0.65 23.38 -27.80
N LYS B 205 1.31 22.36 -28.34
CA LYS B 205 2.71 22.49 -28.70
C LYS B 205 2.88 22.91 -30.15
N GLY B 206 1.78 23.11 -30.85
CA GLY B 206 1.84 23.53 -32.24
C GLY B 206 2.08 22.47 -33.29
N PHE B 207 1.60 21.25 -33.07
CA PHE B 207 1.81 20.11 -33.96
C PHE B 207 0.55 19.45 -34.54
N GLY B 208 -0.65 20.00 -34.28
CA GLY B 208 -1.94 19.37 -34.67
C GLY B 208 -2.10 19.17 -36.17
N ASP B 209 -1.39 19.98 -36.93
CA ASP B 209 -1.11 19.74 -38.34
C ASP B 209 -0.32 18.44 -38.65
N GLN B 210 0.76 18.17 -37.92
CA GLN B 210 1.67 17.04 -38.21
C GLN B 210 1.27 15.71 -37.59
N ILE B 211 0.62 15.77 -36.42
CA ILE B 211 0.36 14.59 -35.65
C ILE B 211 -1.13 14.40 -35.47
N SER B 212 -1.62 13.19 -35.81
CA SER B 212 -3.02 12.82 -35.56
C SER B 212 -3.15 11.53 -34.80
N PHE B 213 -4.33 11.33 -34.21
CA PHE B 213 -4.57 10.11 -33.43
C PHE B 213 -5.81 9.33 -33.87
N VAL B 214 -5.80 7.99 -33.71
CA VAL B 214 -6.95 7.15 -34.02
C VAL B 214 -7.19 6.17 -32.90
N ARG B 215 -8.43 6.06 -32.45
CA ARG B 215 -8.75 5.12 -31.36
C ARG B 215 -8.68 3.81 -32.04
N GLY B 216 -8.18 2.78 -31.37
CA GLY B 216 -7.92 1.50 -32.07
C GLY B 216 -7.22 0.49 -31.16
N ASP B 217 -7.43 -0.79 -31.41
CA ASP B 217 -6.81 -1.85 -30.61
C ASP B 217 -5.73 -2.53 -31.45
N ALA B 218 -4.50 -2.31 -31.02
CA ALA B 218 -3.31 -2.77 -31.69
C ALA B 218 -3.19 -4.29 -31.71
N ARG B 219 -3.90 -4.96 -30.80
CA ARG B 219 -4.00 -6.40 -30.87
C ARG B 219 -4.80 -6.89 -32.11
N THR B 220 -5.75 -6.07 -32.57
CA THR B 220 -6.56 -6.39 -33.75
C THR B 220 -6.54 -5.21 -34.68
N ILE B 221 -5.35 -4.92 -35.27
CA ILE B 221 -5.14 -3.67 -36.01
C ILE B 221 -5.87 -3.66 -37.34
N ASP B 222 -6.07 -4.83 -37.93
CA ASP B 222 -6.96 -5.00 -39.12
C ASP B 222 -8.40 -4.48 -38.94
N GLN B 223 -8.86 -4.35 -37.70
CA GLN B 223 -10.18 -3.75 -37.44
C GLN B 223 -10.17 -2.26 -37.18
N VAL B 224 -9.02 -1.65 -37.36
CA VAL B 224 -8.91 -0.21 -37.24
C VAL B 224 -8.94 0.31 -38.68
N SER B 225 -9.92 1.15 -38.98
CA SER B 225 -10.14 1.55 -40.36
C SER B 225 -9.46 2.87 -40.68
N ALA B 226 -8.18 2.95 -40.31
CA ALA B 226 -7.33 4.08 -40.63
C ALA B 226 -6.85 3.99 -42.09
N ARG B 227 -7.83 4.20 -42.95
CA ARG B 227 -7.66 4.99 -44.16
C ARG B 227 -6.27 4.97 -44.82
N GLY B 228 -5.59 3.83 -44.95
CA GLY B 228 -4.27 3.81 -45.61
C GLY B 228 -3.46 5.10 -45.32
N GLU B 229 -3.75 5.72 -44.17
CA GLU B 229 -2.76 6.51 -43.48
C GLU B 229 -1.70 5.46 -43.11
N PHE B 230 -2.12 4.24 -42.75
CA PHE B 230 -1.20 3.12 -42.41
C PHE B 230 -0.24 2.75 -43.53
N ALA B 231 -0.65 2.98 -44.75
CA ALA B 231 0.19 2.70 -45.90
C ALA B 231 1.33 3.66 -46.06
N GLU B 232 1.19 4.90 -45.62
CA GLU B 232 2.35 5.84 -45.70
C GLU B 232 3.42 5.64 -44.57
N VAL B 233 3.08 4.88 -43.54
CA VAL B 233 3.97 4.71 -42.38
C VAL B 233 5.23 3.97 -42.81
N ASP B 234 6.40 4.59 -42.61
CA ASP B 234 7.70 3.87 -42.73
C ASP B 234 8.50 3.59 -41.42
N LEU B 235 7.99 4.04 -40.27
CA LEU B 235 8.56 3.72 -38.94
C LEU B 235 7.43 3.40 -38.00
N LEU B 236 7.49 2.21 -37.41
CA LEU B 236 6.50 1.80 -36.44
C LEU B 236 7.17 1.71 -35.05
N THR B 237 6.48 2.16 -34.01
CA THR B 237 7.04 2.10 -32.64
C THR B 237 5.98 1.62 -31.69
N CYS B 238 6.41 0.87 -30.64
CA CYS B 238 5.51 0.35 -29.64
C CYS B 238 6.30 0.17 -28.37
N PHE B 239 6.03 1.01 -27.38
CA PHE B 239 6.72 1.02 -26.06
C PHE B 239 5.79 0.79 -24.87
N MET B 240 6.20 -0.13 -24.00
CA MET B 240 5.54 -0.36 -22.70
C MET B 240 4.16 -1.02 -22.81
N MET B 241 3.86 -1.68 -23.90
CA MET B 241 2.60 -2.38 -23.98
C MET B 241 2.64 -3.68 -24.72
N GLY B 242 3.75 -3.98 -25.37
CA GLY B 242 3.89 -5.20 -26.16
C GLY B 242 3.43 -6.50 -25.48
N HIS B 243 3.53 -6.53 -24.17
CA HIS B 243 3.19 -7.76 -23.45
C HIS B 243 1.67 -7.98 -23.56
N ALA B 244 0.92 -6.93 -23.86
CA ALA B 244 -0.53 -7.08 -24.13
C ALA B 244 -0.83 -7.98 -25.39
N PHE B 245 0.17 -8.25 -26.24
CA PHE B 245 -0.05 -9.04 -27.46
C PHE B 245 -0.14 -10.52 -27.13
N TRP B 246 0.37 -10.89 -25.95
CA TRP B 246 0.49 -12.28 -25.57
C TRP B 246 -0.89 -12.74 -25.02
N PRO B 247 -1.10 -14.04 -24.85
CA PRO B 247 -0.19 -15.16 -25.07
C PRO B 247 0.28 -15.40 -26.53
N ARG B 248 1.03 -16.47 -26.68
CA ARG B 248 1.96 -16.64 -27.79
C ARG B 248 1.22 -16.69 -29.10
N GLU B 249 0.10 -17.41 -29.10
CA GLU B 249 -0.70 -17.58 -30.30
C GLU B 249 -1.37 -16.27 -30.72
N ASN B 250 -1.83 -15.52 -29.75
CA ASN B 250 -2.35 -14.22 -30.03
C ASN B 250 -1.22 -13.27 -30.50
N CYS B 251 -0.02 -13.42 -29.93
CA CYS B 251 1.14 -12.59 -30.28
C CYS B 251 1.52 -12.81 -31.76
N VAL B 252 1.64 -14.06 -32.16
CA VAL B 252 1.94 -14.39 -33.56
C VAL B 252 1.00 -13.73 -34.53
N GLN B 253 -0.28 -13.81 -34.24
CA GLN B 253 -1.29 -13.27 -35.15
C GLN B 253 -1.30 -11.76 -35.13
N THR B 254 -1.08 -11.20 -33.95
CA THR B 254 -1.03 -9.74 -33.88
C THR B 254 0.16 -9.25 -34.66
N LEU B 255 1.29 -9.93 -34.48
CA LEU B 255 2.48 -9.51 -35.28
C LEU B 255 2.28 -9.57 -36.80
N ARG B 256 1.65 -10.64 -37.27
CA ARG B 256 1.39 -10.77 -38.70
C ARG B 256 0.46 -9.72 -39.22
N LYS B 257 -0.53 -9.42 -38.40
CA LYS B 257 -1.52 -8.41 -38.75
C LYS B 257 -0.92 -7.00 -38.80
N LEU B 258 0.01 -6.70 -37.87
CA LEU B 258 0.73 -5.42 -37.96
C LEU B 258 1.60 -5.35 -39.20
N ARG B 259 2.22 -6.45 -39.51
CA ARG B 259 3.06 -6.49 -40.70
C ARG B 259 2.25 -6.16 -42.02
N ALA B 260 1.01 -6.65 -42.06
CA ALA B 260 0.10 -6.51 -43.18
C ALA B 260 -0.48 -5.12 -43.18
N ALA B 261 -0.89 -4.64 -42.01
CA ALA B 261 -1.51 -3.32 -41.92
C ALA B 261 -0.50 -2.19 -42.16
N PHE B 262 0.80 -2.48 -41.98
CA PHE B 262 1.88 -1.46 -42.22
C PHE B 262 2.88 -2.03 -43.21
N PRO B 263 2.43 -2.25 -44.49
CA PRO B 263 3.30 -2.87 -45.47
C PRO B 263 4.55 -2.03 -45.82
N ASN B 264 4.52 -0.70 -45.63
CA ASN B 264 5.69 0.13 -45.97
C ASN B 264 6.65 0.42 -44.76
N VAL B 265 6.31 -0.10 -43.59
CA VAL B 265 7.24 0.02 -42.42
C VAL B 265 8.55 -0.70 -42.68
N ARG B 266 9.65 0.03 -42.47
CA ARG B 266 10.96 -0.50 -42.63
C ARG B 266 11.35 -1.08 -41.25
N ARG B 267 11.54 -0.19 -40.28
CA ARG B 267 11.85 -0.64 -38.91
C ARG B 267 10.64 -0.50 -37.99
N PHE B 268 10.52 -1.44 -37.11
CA PHE B 268 9.55 -1.53 -36.03
C PHE B 268 10.38 -1.60 -34.72
N LEU B 269 10.29 -0.56 -33.88
CA LEU B 269 11.02 -0.45 -32.61
C LEU B 269 10.02 -0.87 -31.54
N LEU B 270 10.32 -1.96 -30.86
CA LEU B 270 9.47 -2.54 -29.87
C LEU B 270 10.22 -2.57 -28.55
N GLY B 271 9.69 -1.87 -27.55
CA GLY B 271 10.32 -1.82 -26.23
C GLY B 271 9.36 -2.22 -25.16
N ASP B 272 9.83 -3.06 -24.24
CA ASP B 272 9.00 -3.42 -23.10
C ASP B 272 9.87 -4.01 -21.96
N ALA B 273 9.29 -4.11 -20.79
CA ALA B 273 9.85 -4.92 -19.73
C ALA B 273 9.34 -6.33 -19.91
N THR B 274 10.11 -7.25 -19.34
CA THR B 274 9.89 -8.69 -19.51
C THR B 274 9.91 -9.43 -18.17
N ARG B 275 9.39 -10.65 -18.14
CA ARG B 275 9.43 -11.50 -16.97
C ARG B 275 10.80 -12.11 -16.84
N THR B 276 11.40 -12.02 -15.65
CA THR B 276 12.76 -12.50 -15.47
C THR B 276 12.68 -13.97 -15.12
N VAL B 277 13.82 -14.61 -14.98
CA VAL B 277 13.90 -16.03 -14.75
C VAL B 277 15.11 -16.23 -13.90
N GLY B 278 14.96 -16.87 -12.76
CA GLY B 278 16.15 -17.33 -12.04
C GLY B 278 16.75 -16.38 -11.07
N ILE B 279 16.21 -15.17 -10.89
CA ILE B 279 16.88 -14.24 -9.97
C ILE B 279 16.66 -14.71 -8.51
N PRO B 280 17.71 -14.87 -7.69
CA PRO B 280 17.44 -15.34 -6.30
C PRO B 280 16.52 -14.38 -5.52
N ASP B 281 15.64 -14.90 -4.67
CA ASP B 281 14.64 -14.05 -3.99
C ASP B 281 15.19 -12.83 -3.24
N ARG B 282 16.34 -12.94 -2.60
CA ARG B 282 16.91 -11.84 -1.83
C ARG B 282 17.75 -10.92 -2.68
N GLU B 283 17.80 -11.19 -3.98
CA GLU B 283 18.55 -10.32 -4.89
C GLU B 283 17.66 -9.61 -5.89
N LEU B 284 16.34 -9.68 -5.75
CA LEU B 284 15.43 -9.11 -6.71
C LEU B 284 15.71 -7.61 -6.75
N PRO B 285 15.90 -7.05 -7.96
CA PRO B 285 16.17 -5.62 -8.01
C PRO B 285 14.87 -4.86 -8.02
N VAL B 286 14.96 -3.53 -8.10
CA VAL B 286 13.79 -2.75 -8.00
C VAL B 286 12.89 -3.17 -9.14
N PHE B 287 11.59 -3.05 -8.94
CA PHE B 287 10.54 -3.14 -9.94
C PHE B 287 10.11 -4.60 -10.27
N THR B 288 11.07 -5.46 -10.52
CA THR B 288 10.85 -6.84 -10.94
C THR B 288 9.73 -7.52 -10.23
N LEU B 289 9.83 -7.60 -8.90
CA LEU B 289 8.77 -8.32 -8.11
C LEU B 289 7.37 -7.73 -8.29
N GLY B 290 7.23 -6.39 -8.22
CA GLY B 290 5.92 -5.78 -8.41
C GLY B 290 5.34 -5.90 -9.80
N PHE B 291 6.18 -5.85 -10.82
CA PHE B 291 5.72 -6.02 -12.18
C PHE B 291 5.19 -7.43 -12.41
N GLU B 292 5.98 -8.41 -12.00
CA GLU B 292 5.64 -9.77 -12.23
C GLU B 292 4.46 -10.22 -11.34
N PHE B 293 4.57 -9.99 -10.04
CA PHE B 293 3.54 -10.35 -9.08
C PHE B 293 2.25 -9.69 -9.44
N GLY B 294 2.30 -8.40 -9.78
CA GLY B 294 1.09 -7.71 -10.16
C GLY B 294 0.44 -8.31 -11.39
N HIS B 295 1.22 -8.56 -12.43
CA HIS B 295 0.63 -9.20 -13.59
C HIS B 295 0.06 -10.60 -13.26
N ASP B 296 0.74 -11.40 -12.44
CA ASP B 296 0.17 -12.67 -11.99
C ASP B 296 -1.10 -12.51 -11.18
N MET B 297 -1.23 -11.41 -10.40
CA MET B 297 -2.47 -11.12 -9.71
C MET B 297 -3.58 -10.72 -10.68
N MET B 298 -3.25 -9.96 -11.73
CA MET B 298 -4.26 -9.51 -12.62
C MET B 298 -4.64 -10.62 -13.60
N GLY B 299 -3.91 -11.74 -13.59
CA GLY B 299 -4.07 -12.81 -14.60
C GLY B 299 -3.61 -12.38 -16.02
N GLU B 300 -2.64 -11.44 -16.07
CA GLU B 300 -2.20 -10.83 -17.31
C GLU B 300 -0.85 -11.52 -17.68
N TYR B 301 -0.78 -12.07 -18.89
CA TYR B 301 0.41 -12.70 -19.42
C TYR B 301 1.63 -11.74 -19.46
N LEU B 302 2.77 -12.28 -19.05
CA LEU B 302 4.02 -11.58 -19.18
C LEU B 302 5.10 -12.50 -19.75
N PRO B 303 5.58 -12.22 -20.99
CA PRO B 303 6.59 -13.07 -21.54
C PRO B 303 7.96 -12.78 -21.07
N THR B 304 8.82 -13.78 -21.18
CA THR B 304 10.24 -13.62 -20.91
C THR B 304 10.96 -13.07 -22.17
N LEU B 305 12.24 -12.74 -22.02
CA LEU B 305 13.01 -12.25 -23.16
C LEU B 305 13.13 -13.36 -24.24
N ASP B 306 13.41 -14.58 -23.80
CA ASP B 306 13.41 -15.73 -24.71
C ASP B 306 12.12 -15.98 -25.48
N GLU B 307 10.99 -15.80 -24.85
CA GLU B 307 9.72 -15.89 -25.51
C GLU B 307 9.58 -14.88 -26.64
N TRP B 308 9.94 -13.61 -26.38
CA TRP B 308 9.92 -12.64 -27.44
C TRP B 308 10.87 -13.02 -28.61
N ASP B 309 12.12 -13.39 -28.29
CA ASP B 309 13.15 -13.75 -29.32
C ASP B 309 12.57 -14.89 -30.23
N GLY B 310 11.92 -15.87 -29.61
CA GLY B 310 11.34 -17.00 -30.35
C GLY B 310 10.05 -16.77 -31.12
N VAL B 311 9.47 -15.60 -31.02
CA VAL B 311 8.18 -15.39 -31.66
C VAL B 311 8.24 -14.53 -32.91
N PHE B 312 9.31 -13.80 -33.13
CA PHE B 312 9.29 -12.81 -34.18
C PHE B 312 9.18 -13.44 -35.61
N GLU B 313 9.97 -14.48 -35.84
CA GLU B 313 10.04 -15.08 -37.18
C GLU B 313 8.64 -15.57 -37.59
N GLU B 314 7.98 -16.41 -36.77
CA GLU B 314 6.55 -16.77 -36.98
C GLU B 314 5.65 -15.59 -37.18
N GLY B 315 5.87 -14.53 -36.44
CA GLY B 315 5.03 -13.38 -36.59
C GLY B 315 5.27 -12.55 -37.80
N GLY B 316 6.25 -12.91 -38.63
CA GLY B 316 6.54 -12.15 -39.87
C GLY B 316 7.61 -11.03 -39.81
N TRP B 317 8.51 -11.11 -38.80
CA TRP B 317 9.53 -10.05 -38.56
C TRP B 317 10.90 -10.62 -38.27
N ARG B 318 11.94 -9.87 -38.63
CA ARG B 318 13.31 -10.29 -38.35
C ARG B 318 13.88 -9.31 -37.31
N CYS B 319 14.41 -9.84 -36.24
CA CYS B 319 15.09 -9.00 -35.23
C CYS B 319 16.55 -8.76 -35.66
N VAL B 320 16.86 -7.51 -35.93
CA VAL B 320 18.15 -7.12 -36.45
C VAL B 320 19.06 -6.46 -35.41
N LYS B 321 18.50 -5.95 -34.34
CA LYS B 321 19.31 -5.41 -33.25
C LYS B 321 18.52 -5.46 -31.96
N LYS B 322 19.19 -5.76 -30.85
CA LYS B 322 18.52 -5.77 -29.53
C LYS B 322 19.37 -4.93 -28.56
N HIS B 323 18.66 -4.10 -27.78
CA HIS B 323 19.21 -3.28 -26.72
C HIS B 323 18.76 -3.67 -25.32
N ALA B 324 19.72 -3.89 -24.42
CA ALA B 324 19.39 -4.13 -23.01
C ALA B 324 19.13 -2.81 -22.32
N ILE B 325 18.14 -2.80 -21.43
CA ILE B 325 17.89 -1.56 -20.66
C ILE B 325 18.49 -1.65 -19.23
N ASP B 326 18.98 -0.48 -18.75
CA ASP B 326 19.47 -0.34 -17.36
C ASP B 326 18.39 0.22 -16.39
N SER B 327 18.20 -0.36 -15.23
CA SER B 327 17.70 -1.62 -15.20
C SER B 327 16.35 -1.21 -14.58
N LEU B 328 15.40 -1.54 -15.39
CA LEU B 328 14.06 -1.63 -15.09
C LEU B 328 13.83 -3.13 -15.23
N SER B 329 14.18 -3.92 -14.19
CA SER B 329 14.03 -5.39 -14.26
C SER B 329 14.82 -5.82 -15.49
N VAL B 330 14.31 -6.74 -16.32
CA VAL B 330 14.93 -7.04 -17.61
C VAL B 330 14.02 -6.44 -18.67
N SER B 331 14.47 -5.30 -19.18
CA SER B 331 13.75 -4.59 -20.19
C SER B 331 14.62 -4.56 -21.48
N VAL B 332 14.01 -4.37 -22.65
CA VAL B 332 14.69 -4.48 -23.95
C VAL B 332 14.04 -3.59 -24.97
N VAL B 333 14.82 -3.11 -25.95
CA VAL B 333 14.29 -2.60 -27.17
C VAL B 333 14.74 -3.49 -28.33
N PHE B 334 13.79 -4.05 -29.07
CA PHE B 334 14.08 -4.80 -30.29
C PHE B 334 13.92 -3.89 -31.54
N GLU B 335 14.85 -4.01 -32.48
CA GLU B 335 14.74 -3.37 -33.79
C GLU B 335 14.35 -4.49 -34.76
N LEU B 336 13.14 -4.42 -35.25
CA LEU B 336 12.59 -5.46 -36.12
C LEU B 336 12.41 -4.94 -37.54
N GLU B 337 12.54 -5.82 -38.51
CA GLU B 337 12.15 -5.40 -39.84
C GLU B 337 11.59 -6.57 -40.64
N SAH C . -12.70 -1.89 22.41
CA SAH C . -12.71 -2.92 21.37
CB SAH C . -12.79 -2.38 19.94
CG SAH C . -11.63 -1.59 19.38
SD SAH C . -12.31 -0.95 17.85
C SAH C . -11.59 -3.91 21.55
O SAH C . -11.50 -4.81 20.78
OXT SAH C . -10.77 -3.87 22.42
C5' SAH C . -12.88 0.70 18.26
C4' SAH C . -14.46 0.61 18.39
O4' SAH C . -14.78 1.80 19.13
C3' SAH C . -15.33 0.58 17.14
O3' SAH C . -16.50 -0.31 17.15
C2' SAH C . -15.85 2.06 17.03
O2' SAH C . -17.16 2.05 16.51
C1' SAH C . -15.90 2.43 18.52
N9 SAH C . -15.80 3.84 18.82
C8 SAH C . -14.91 4.71 18.27
N7 SAH C . -15.08 5.92 18.80
C5 SAH C . -16.17 5.83 19.60
C6 SAH C . -16.88 6.77 20.47
N6 SAH C . -16.45 8.03 20.44
N1 SAH C . -17.86 6.31 21.26
C2 SAH C . -18.20 4.97 21.22
N3 SAH C . -17.62 4.04 20.44
C4 SAH C . -16.59 4.44 19.67
O3 M72 D . -6.74 4.25 16.22
C M72 D . -7.43 3.22 16.07
O M72 D . -8.58 3.11 16.57
CA M72 D . -6.86 2.06 15.26
OA M72 D . -7.35 2.12 13.92
CB M72 D . -7.08 0.65 15.91
CG M72 D . -6.10 0.64 17.03
CD2 M72 D . -6.25 1.45 18.18
CE2 M72 D . -5.34 1.42 19.20
CZ M72 D . -4.24 0.58 19.15
CE1 M72 D . -4.06 -0.22 18.01
CD1 M72 D . -4.98 -0.20 16.95
O1 M72 D . -8.40 0.24 16.37
C1 M72 D . -9.52 0.38 15.45
FE FE E . -7.55 6.13 16.11
C HF2 F . 0.92 7.48 36.15
O HF2 F . 1.94 6.79 36.08
CA HF2 F . -0.29 6.66 35.77
OA HF2 F . -1.23 7.38 34.99
CB HF2 F . -0.94 5.82 36.87
CG HF2 F . -0.13 5.61 38.13
CZ HF2 F . 1.21 5.15 40.55
CD1 HF2 F . 0.28 6.69 38.90
CD2 HF2 F . 0.09 4.30 38.61
CE1 HF2 F . 0.97 6.43 40.07
CE2 HF2 F . 0.78 4.05 39.80
OXT HF2 F . 0.91 8.70 36.49
CA CA G . 19.96 -4.37 -6.80
CA CA H . 5.92 -29.89 2.28
CA CA I . 16.56 -16.02 3.63
CA CA J . -3.08 9.43 -5.23
CA CA K . 4.68 9.87 34.47
CA CA L . -7.51 2.55 -7.12
I IOD M . -24.94 10.17 21.83
N SAH N . 3.72 3.98 -25.33
CA SAH N . 3.54 5.17 -24.44
CB SAH N . 2.42 4.96 -23.38
CG SAH N . 2.45 3.60 -22.72
SD SAH N . 1.12 3.56 -21.54
C SAH N . 4.78 5.56 -23.68
O SAH N . 5.88 5.10 -23.93
OXT SAH N . 4.70 6.38 -22.74
C5' SAH N . 0.15 2.32 -22.37
C4' SAH N . -0.79 2.99 -23.39
O4' SAH N . -1.13 1.96 -24.31
C3' SAH N . -2.10 3.52 -22.80
O3' SAH N . -2.44 4.84 -23.30
C2' SAH N . -3.15 2.46 -23.17
O2' SAH N . -4.37 3.11 -23.50
C1' SAH N . -2.55 1.87 -24.44
N9 SAH N . -2.90 0.49 -24.78
C8 SAH N . -2.85 -0.62 -23.98
N7 SAH N . -3.21 -1.69 -24.71
C5 SAH N . -3.50 -1.22 -25.94
C6 SAH N . -3.94 -1.82 -27.19
N6 SAH N . -4.16 -3.14 -27.11
N1 SAH N . -4.12 -1.07 -28.29
C2 SAH N . -3.90 0.26 -28.30
N3 SAH N . -3.49 0.90 -27.17
C4 SAH N . -3.27 0.19 -26.01
O3 M72 O . 1.75 -3.18 -17.63
C M72 O . 1.57 -1.97 -17.63
O M72 O . 0.77 -1.43 -18.43
CA M72 O . 2.37 -1.26 -16.55
OA M72 O . 1.63 -1.29 -15.34
CB M72 O . 3.01 0.14 -16.88
CG M72 O . 4.38 -0.30 -17.38
CD2 M72 O . 4.53 -1.02 -18.59
CE2 M72 O . 5.77 -1.48 -19.06
CZ M72 O . 6.90 -1.23 -18.29
CE1 M72 O . 6.76 -0.54 -17.06
CD1 M72 O . 5.50 -0.10 -16.62
O1 M72 O . 2.38 1.10 -17.78
C1 M72 O . 0.92 1.26 -17.91
FE FE P . 0.73 -4.76 -18.14
C HF2 Q . 17.16 -12.16 -30.45
O HF2 Q . 16.73 -13.27 -30.84
CA HF2 Q . 16.44 -10.86 -30.73
OA HF2 Q . 15.03 -10.99 -30.85
CB HF2 Q . 16.88 -9.96 -31.86
CG HF2 Q . 18.22 -10.27 -32.46
CZ HF2 Q . 20.66 -10.69 -33.70
CD1 HF2 Q . 18.48 -11.48 -33.06
CD2 HF2 Q . 19.15 -9.24 -32.54
CE1 HF2 Q . 19.70 -11.71 -33.65
CE2 HF2 Q . 20.39 -9.46 -33.12
OXT HF2 Q . 18.20 -12.05 -29.74
CA CA R . 13.12 -2.72 16.99
CA CA S . 13.91 16.15 14.44
CA CA T . 20.42 8.20 7.81
CA CA U . 16.74 24.98 5.00
CA CA V . -8.71 -6.99 1.73
CA CA W . -12.65 -4.46 -7.58
CA CA X . -10.35 -1.71 -33.08
#